data_2I5K
#
_entry.id   2I5K
#
_cell.length_a   110.191
_cell.length_b   147.437
_cell.length_c   167.752
_cell.angle_alpha   90.000
_cell.angle_beta   90.000
_cell.angle_gamma   90.000
#
_symmetry.space_group_name_H-M   'I 2 2 2'
#
loop_
_entity.id
_entity.type
_entity.pdbx_description
1 polymer 'UTP--glucose-1-phosphate uridylyltransferase'
2 water water
#
_entity_poly.entity_id   1
_entity_poly.type   'polypeptide(L)'
_entity_poly.pdbx_seq_one_letter_code
;TYAFESNTNSVAASQMRNALNKLADSSKLDDAARAKFENELDSFFTLFRRYLVEKSSRTTLEWDKIKSPNPDEVVKYEII
SQQPENVSNLSKLAVLKLNGGLGTSMGCVGPKSVIEVREGNTFLDLSVRQIEYLNRQYDSDVPLLLMNSFNTDKDTEHLI
KKYSANRIRIRSFNQSRFPRVYKDSLLPVPTEYDSPLDAWYPPGHGDLFESLHVSGELDALIAQGREILFVSNGDNLGAT
VDLKILNHMIETGAEYIMELTDKTRADVKGGTLISYDGQVRLLEVAQVPKEHIDEFKNIRKFTNFNTNNLWINLKAVKRL
IESSNLEMEIIPNQKTITRDGHEINVLQLETACGAAIRHFDGAHGVVVPRSRFLPVKTCSDLLLVKSDLFRLEHGSLKLD
PSRFGPNPLIKLGSHFKKVSGFNARIPHIPKIVELDHLTITGNVFLGKDVTLRGTVIIVCSDGHKIDIPNGSILENVVVT
GNLQILEH
;
_entity_poly.pdbx_strand_id   A,B
#
# COMPACT_ATOMS: atom_id res chain seq x y z
N VAL A 11 6.91 -52.30 -45.88
CA VAL A 11 8.42 -51.89 -46.17
C VAL A 11 9.19 -51.11 -45.08
N ALA A 12 8.45 -50.18 -44.42
CA ALA A 12 9.02 -49.38 -43.30
C ALA A 12 9.41 -50.24 -42.09
N ALA A 13 8.91 -51.47 -42.04
CA ALA A 13 9.17 -52.42 -40.95
C ALA A 13 10.64 -52.88 -40.93
N SER A 14 11.04 -53.63 -41.96
CA SER A 14 12.40 -54.16 -42.07
C SER A 14 13.45 -53.05 -42.17
N GLN A 15 13.02 -51.88 -42.64
CA GLN A 15 13.88 -50.71 -42.69
C GLN A 15 14.18 -50.25 -41.26
N MET A 16 13.18 -50.34 -40.39
CA MET A 16 13.36 -49.96 -39.00
C MET A 16 14.16 -51.00 -38.21
N ARG A 17 13.79 -52.27 -38.37
CA ARG A 17 14.41 -53.38 -37.62
C ARG A 17 15.86 -53.68 -38.02
N ASN A 18 16.18 -53.43 -39.30
CA ASN A 18 17.55 -53.57 -39.77
C ASN A 18 18.42 -52.39 -39.30
N ALA A 19 17.91 -51.18 -39.49
CA ALA A 19 18.63 -49.97 -39.09
C ALA A 19 18.75 -49.85 -37.57
N LEU A 20 17.77 -50.41 -36.84
CA LEU A 20 17.82 -50.44 -35.37
C LEU A 20 18.80 -51.47 -34.83
N ASN A 21 19.17 -52.44 -35.67
CA ASN A 21 20.02 -53.55 -35.25
C ASN A 21 21.53 -53.23 -35.23
N LYS A 22 21.90 -52.02 -35.68
CA LYS A 22 23.31 -51.64 -35.74
C LYS A 22 23.85 -51.18 -34.38
N LEU A 23 24.95 -51.80 -33.95
CA LEU A 23 25.59 -51.51 -32.66
C LEU A 23 26.97 -50.87 -32.83
N ALA A 24 27.34 -50.00 -31.89
CA ALA A 24 28.65 -49.37 -31.89
C ALA A 24 28.93 -48.66 -30.50
N ALA A 33 29.68 -52.14 -23.66
CA ALA A 33 28.42 -52.63 -23.06
C ALA A 33 28.51 -54.09 -22.65
N ARG A 34 27.82 -54.41 -21.54
CA ARG A 34 27.73 -55.78 -21.02
C ARG A 34 26.30 -56.33 -21.12
N ALA A 35 25.31 -55.47 -20.86
CA ALA A 35 23.89 -55.82 -20.98
C ALA A 35 23.29 -55.26 -22.27
N LYS A 36 22.73 -56.16 -23.09
CA LYS A 36 22.17 -55.78 -24.39
C LYS A 36 20.85 -55.01 -24.22
N PHE A 37 20.92 -53.68 -24.43
CA PHE A 37 19.77 -52.78 -24.35
C PHE A 37 18.72 -53.04 -25.45
N GLU A 38 18.77 -54.24 -26.03
CA GLU A 38 17.95 -54.62 -27.18
C GLU A 38 16.49 -54.88 -26.83
N ASN A 39 16.26 -55.42 -25.64
CA ASN A 39 14.90 -55.70 -25.17
C ASN A 39 14.01 -54.46 -25.18
N GLU A 40 14.63 -53.29 -25.22
CA GLU A 40 13.91 -52.02 -25.36
C GLU A 40 13.81 -51.58 -26.82
N LEU A 41 14.94 -51.61 -27.53
CA LEU A 41 14.95 -51.27 -28.95
C LEU A 41 13.96 -52.16 -29.72
N ASP A 42 13.75 -53.38 -29.20
CA ASP A 42 12.76 -54.31 -29.73
C ASP A 42 11.34 -53.99 -29.22
N SER A 43 11.25 -53.64 -27.94
CA SER A 43 9.98 -53.17 -27.35
C SER A 43 9.47 -51.95 -28.10
N PHE A 44 10.41 -51.13 -28.54
CA PHE A 44 10.15 -50.00 -29.42
C PHE A 44 9.56 -50.48 -30.74
N PHE A 45 10.24 -51.41 -31.39
CA PHE A 45 9.83 -51.89 -32.72
C PHE A 45 8.38 -52.34 -32.69
N THR A 46 7.97 -52.89 -31.55
CA THR A 46 6.60 -53.33 -31.34
C THR A 46 5.62 -52.15 -31.44
N LEU A 47 6.00 -51.01 -30.86
CA LEU A 47 5.20 -49.78 -30.95
C LEU A 47 5.35 -49.13 -32.33
N PHE A 48 6.60 -49.00 -32.79
CA PHE A 48 6.93 -48.32 -34.04
C PHE A 48 6.27 -48.97 -35.23
N ARG A 49 6.14 -50.30 -35.17
CA ARG A 49 5.41 -51.07 -36.16
C ARG A 49 3.92 -50.80 -36.02
N ARG A 50 3.38 -51.15 -34.85
CA ARG A 50 1.97 -50.91 -34.53
C ARG A 50 1.51 -49.57 -35.07
N TYR A 51 2.39 -48.56 -34.94
CA TYR A 51 2.09 -47.23 -35.43
C TYR A 51 1.66 -47.27 -36.89
N LEU A 52 2.51 -47.84 -37.75
CA LEU A 52 2.22 -47.94 -39.19
C LEU A 52 0.82 -48.53 -39.44
N VAL A 53 0.53 -49.64 -38.76
CA VAL A 53 -0.75 -50.35 -38.90
C VAL A 53 -1.91 -49.40 -38.62
N GLU A 54 -1.82 -48.69 -37.50
CA GLU A 54 -2.86 -47.75 -37.10
C GLU A 54 -2.80 -46.45 -37.90
N LYS A 55 -1.58 -45.99 -38.16
CA LYS A 55 -1.30 -44.85 -39.02
C LYS A 55 -2.24 -44.78 -40.23
N SER A 56 -2.56 -45.96 -40.77
CA SER A 56 -3.47 -46.07 -41.90
C SER A 56 -4.95 -45.88 -41.53
N SER A 57 -5.56 -46.92 -40.96
CA SER A 57 -7.02 -46.98 -40.73
C SER A 57 -7.51 -46.10 -39.57
N ARG A 58 -8.67 -46.45 -39.01
CA ARG A 58 -9.31 -45.68 -37.95
C ARG A 58 -8.57 -45.78 -36.62
N THR A 59 -8.14 -44.63 -36.09
CA THR A 59 -7.68 -44.53 -34.71
C THR A 59 -8.58 -43.51 -34.00
N THR A 60 -9.85 -43.92 -33.92
CA THR A 60 -10.91 -43.16 -33.30
C THR A 60 -11.97 -44.18 -32.94
N LEU A 61 -12.23 -44.34 -31.65
CA LEU A 61 -13.22 -45.30 -31.19
C LEU A 61 -14.59 -44.90 -31.72
N GLU A 62 -15.40 -45.90 -32.08
CA GLU A 62 -16.75 -45.63 -32.54
C GLU A 62 -17.44 -44.79 -31.49
N TRP A 63 -17.86 -43.58 -31.87
CA TRP A 63 -18.52 -42.69 -30.91
C TRP A 63 -19.79 -43.34 -30.36
N ASP A 64 -20.56 -43.92 -31.26
CA ASP A 64 -21.92 -44.36 -30.99
C ASP A 64 -22.02 -45.43 -29.89
N LYS A 65 -20.88 -45.99 -29.50
CA LYS A 65 -20.83 -47.10 -28.54
C LYS A 65 -20.45 -46.71 -27.11
N ILE A 66 -20.04 -45.45 -26.92
CA ILE A 66 -19.63 -44.95 -25.59
C ILE A 66 -20.84 -44.74 -24.65
N LYS A 67 -20.66 -45.10 -23.38
CA LYS A 67 -21.71 -44.91 -22.39
C LYS A 67 -21.14 -44.25 -21.14
N SER A 68 -22.04 -43.66 -20.33
CA SER A 68 -21.66 -43.08 -19.04
C SER A 68 -21.78 -44.12 -17.90
N PRO A 69 -20.69 -44.34 -17.17
CA PRO A 69 -20.48 -45.35 -16.11
C PRO A 69 -21.57 -45.49 -15.04
N ASN A 70 -21.84 -46.73 -14.64
CA ASN A 70 -22.73 -47.07 -13.52
C ASN A 70 -22.06 -46.73 -12.17
N PRO A 71 -22.85 -46.59 -11.08
CA PRO A 71 -22.23 -46.43 -9.75
C PRO A 71 -21.18 -47.53 -9.48
N ASP A 72 -21.31 -48.61 -10.21
CA ASP A 72 -20.31 -49.65 -10.40
C ASP A 72 -18.97 -49.05 -10.78
N GLU A 73 -18.97 -48.30 -11.89
CA GLU A 73 -17.76 -48.01 -12.66
C GLU A 73 -17.13 -46.64 -12.34
N VAL A 74 -17.92 -45.73 -11.79
CA VAL A 74 -17.37 -44.51 -11.20
C VAL A 74 -18.06 -44.26 -9.87
N VAL A 75 -17.29 -44.43 -8.80
CA VAL A 75 -17.82 -44.33 -7.44
C VAL A 75 -17.65 -42.90 -6.92
N LYS A 76 -18.73 -42.35 -6.37
CA LYS A 76 -18.69 -41.03 -5.78
C LYS A 76 -18.07 -41.13 -4.40
N TYR A 77 -17.51 -40.03 -3.91
CA TYR A 77 -16.84 -40.02 -2.63
C TYR A 77 -17.80 -40.27 -1.50
N GLU A 78 -19.03 -39.77 -1.62
CA GLU A 78 -20.06 -40.01 -0.60
C GLU A 78 -19.95 -41.43 -0.05
N ILE A 79 -19.81 -42.39 -0.97
CA ILE A 79 -19.63 -43.81 -0.61
C ILE A 79 -18.33 -44.06 0.15
N ILE A 80 -17.19 -43.80 -0.49
CA ILE A 80 -15.87 -44.05 0.10
C ILE A 80 -15.72 -43.38 1.45
N SER A 81 -16.00 -42.07 1.46
CA SER A 81 -16.06 -41.24 2.67
C SER A 81 -16.28 -42.07 3.93
N GLN A 82 -17.37 -42.81 3.97
CA GLN A 82 -17.59 -43.74 5.07
C GLN A 82 -17.09 -45.16 4.71
N GLN A 83 -15.79 -45.36 4.89
CA GLN A 83 -15.15 -46.67 4.85
C GLN A 83 -14.17 -46.60 6.02
N PRO A 84 -13.52 -47.72 6.38
CA PRO A 84 -12.89 -47.80 7.70
C PRO A 84 -11.75 -46.79 7.97
N GLU A 85 -10.81 -46.64 7.04
CA GLU A 85 -9.54 -45.93 7.33
C GLU A 85 -8.63 -46.88 8.11
N ASN A 86 -8.37 -48.01 7.47
CA ASN A 86 -7.57 -49.08 8.00
C ASN A 86 -6.10 -48.69 7.99
N VAL A 87 -5.41 -49.04 9.07
CA VAL A 87 -4.01 -48.67 9.28
C VAL A 87 -3.09 -49.85 8.98
N SER A 88 -3.57 -51.04 9.33
CA SER A 88 -2.78 -52.25 9.17
C SER A 88 -2.57 -52.76 7.74
N ASN A 89 -3.12 -52.08 6.73
CA ASN A 89 -2.84 -52.52 5.35
C ASN A 89 -1.75 -51.74 4.61
N LEU A 90 -1.12 -50.79 5.28
CA LEU A 90 0.02 -50.08 4.70
C LEU A 90 1.13 -51.10 4.42
N SER A 91 1.12 -52.17 5.20
CA SER A 91 1.97 -53.33 4.94
C SER A 91 1.77 -53.89 3.52
N LYS A 92 0.70 -53.48 2.86
CA LYS A 92 0.45 -53.93 1.49
C LYS A 92 0.81 -52.82 0.51
N LEU A 93 0.96 -51.60 1.03
CA LEU A 93 1.13 -50.40 0.18
C LEU A 93 2.58 -50.07 -0.13
N ALA A 94 2.83 -49.78 -1.41
CA ALA A 94 4.08 -49.16 -1.85
C ALA A 94 3.74 -47.87 -2.63
N VAL A 95 4.48 -46.80 -2.35
CA VAL A 95 4.21 -45.48 -2.92
C VAL A 95 5.16 -45.13 -4.06
N LEU A 96 4.62 -44.64 -5.16
CA LEU A 96 5.44 -44.19 -6.29
C LEU A 96 5.08 -42.80 -6.82
N LYS A 97 6.12 -42.05 -7.13
CA LYS A 97 5.98 -40.77 -7.77
C LYS A 97 6.73 -40.83 -9.09
N LEU A 98 6.08 -40.32 -10.13
CA LEU A 98 6.64 -40.24 -11.47
C LEU A 98 7.58 -39.06 -11.52
N ASN A 99 8.76 -39.25 -12.11
CA ASN A 99 9.86 -38.32 -11.94
C ASN A 99 10.69 -38.06 -13.20
N GLY A 100 10.13 -38.40 -14.36
CA GLY A 100 10.82 -38.19 -15.64
C GLY A 100 10.74 -36.77 -16.18
N GLY A 101 9.98 -35.90 -15.49
CA GLY A 101 9.77 -34.52 -15.91
C GLY A 101 10.87 -33.56 -15.48
N LEU A 102 11.35 -32.75 -16.43
CA LEU A 102 12.34 -31.71 -16.15
C LEU A 102 11.68 -30.44 -15.58
N GLY A 103 12.50 -29.54 -15.05
CA GLY A 103 11.98 -28.32 -14.46
C GLY A 103 12.25 -27.08 -15.29
N THR A 104 12.47 -27.25 -16.60
CA THR A 104 12.89 -26.12 -17.41
C THR A 104 11.77 -25.09 -17.59
N SER A 105 10.58 -25.56 -17.95
CA SER A 105 9.43 -24.66 -18.23
C SER A 105 9.11 -23.72 -17.06
N MET A 106 9.88 -23.85 -15.98
CA MET A 106 9.81 -22.93 -14.85
C MET A 106 11.13 -22.21 -14.66
N GLY A 107 11.96 -22.20 -15.70
CA GLY A 107 13.25 -21.56 -15.66
C GLY A 107 14.32 -22.51 -15.18
N CYS A 108 13.97 -23.34 -14.20
CA CYS A 108 14.92 -24.25 -13.52
C CYS A 108 15.58 -25.35 -14.37
N VAL A 109 16.52 -26.04 -13.76
CA VAL A 109 17.31 -27.06 -14.43
C VAL A 109 17.44 -28.26 -13.47
N GLY A 110 17.53 -29.45 -14.06
CA GLY A 110 17.49 -30.69 -13.30
C GLY A 110 16.08 -31.22 -13.32
N PRO A 111 15.77 -32.17 -12.44
CA PRO A 111 14.38 -32.61 -12.33
C PRO A 111 13.45 -31.48 -11.87
N LYS A 112 12.16 -31.62 -12.18
CA LYS A 112 11.16 -30.69 -11.69
C LYS A 112 11.01 -30.86 -10.18
N SER A 113 11.11 -32.11 -9.74
CA SER A 113 10.75 -32.54 -8.39
C SER A 113 11.62 -31.97 -7.28
N VAL A 114 12.76 -31.41 -7.65
CA VAL A 114 13.69 -30.86 -6.66
C VAL A 114 13.65 -29.33 -6.59
N ILE A 115 12.68 -28.74 -7.28
CA ILE A 115 12.45 -27.30 -7.25
C ILE A 115 11.80 -26.90 -5.92
N GLU A 116 12.38 -25.92 -5.22
CA GLU A 116 11.79 -25.45 -3.96
C GLU A 116 10.32 -25.16 -4.16
N VAL A 117 9.47 -25.78 -3.36
CA VAL A 117 8.06 -25.46 -3.41
C VAL A 117 7.55 -24.73 -2.19
N ARG A 118 7.74 -25.28 -0.99
CA ARG A 118 7.24 -24.57 0.19
C ARG A 118 8.14 -24.57 1.39
N GLU A 119 8.43 -23.38 1.90
CA GLU A 119 9.27 -23.19 3.08
C GLU A 119 10.57 -23.99 2.96
N GLY A 120 11.29 -23.76 1.86
CA GLY A 120 12.55 -24.45 1.60
C GLY A 120 12.42 -25.93 1.29
N ASN A 121 11.19 -26.43 1.20
CA ASN A 121 10.97 -27.83 0.87
C ASN A 121 10.75 -28.01 -0.61
N THR A 122 11.55 -28.87 -1.22
CA THR A 122 11.27 -29.31 -2.58
C THR A 122 10.05 -30.24 -2.60
N PHE A 123 9.72 -30.71 -3.81
CA PHE A 123 8.68 -31.71 -3.99
C PHE A 123 9.09 -32.95 -3.22
N LEU A 124 10.25 -33.51 -3.58
CA LEU A 124 10.79 -34.69 -2.93
C LEU A 124 10.66 -34.63 -1.41
N ASP A 125 11.12 -33.52 -0.83
CA ASP A 125 11.11 -33.30 0.62
C ASP A 125 9.72 -33.53 1.22
N LEU A 126 8.71 -32.90 0.60
CA LEU A 126 7.31 -32.99 1.07
C LEU A 126 6.77 -34.42 1.11
N SER A 127 7.09 -35.21 0.09
CA SER A 127 6.63 -36.60 0.03
C SER A 127 7.28 -37.41 1.14
N VAL A 128 8.60 -37.23 1.28
CA VAL A 128 9.36 -37.93 2.29
C VAL A 128 8.75 -37.58 3.65
N ARG A 129 8.55 -36.29 3.90
CA ARG A 129 7.94 -35.85 5.15
C ARG A 129 6.61 -36.55 5.45
N GLN A 130 5.77 -36.74 4.43
CA GLN A 130 4.46 -37.41 4.56
C GLN A 130 4.53 -38.88 4.91
N ILE A 131 5.32 -39.66 4.17
CA ILE A 131 5.44 -41.12 4.43
C ILE A 131 6.15 -41.38 5.76
N GLU A 132 7.16 -40.57 6.03
CA GLU A 132 7.82 -40.52 7.31
C GLU A 132 6.76 -40.38 8.38
N TYR A 133 5.87 -39.39 8.24
CA TYR A 133 4.76 -39.21 9.18
C TYR A 133 3.87 -40.44 9.27
N LEU A 134 3.39 -40.92 8.11
CA LEU A 134 2.66 -42.18 8.04
C LEU A 134 3.33 -43.25 8.88
N ASN A 135 4.63 -43.47 8.62
CA ASN A 135 5.41 -44.44 9.36
C ASN A 135 5.36 -44.16 10.85
N ARG A 136 6.05 -43.10 11.28
CA ARG A 136 6.15 -42.74 12.70
C ARG A 136 4.81 -42.88 13.45
N GLN A 137 3.75 -42.31 12.89
CA GLN A 137 2.43 -42.34 13.54
C GLN A 137 1.78 -43.74 13.58
N TYR A 138 2.23 -44.64 12.70
CA TYR A 138 1.56 -45.92 12.53
C TYR A 138 2.42 -47.18 12.67
N ASP A 139 3.74 -47.00 12.73
CA ASP A 139 4.69 -48.11 12.96
C ASP A 139 4.99 -48.90 11.69
N SER A 140 4.76 -48.32 10.53
CA SER A 140 4.82 -49.08 9.27
C SER A 140 5.86 -48.60 8.26
N ASP A 141 6.63 -49.54 7.71
CA ASP A 141 7.75 -49.25 6.81
C ASP A 141 7.34 -49.18 5.33
N VAL A 142 6.53 -48.17 4.99
CA VAL A 142 6.11 -47.91 3.60
C VAL A 142 7.28 -47.42 2.73
N PRO A 143 7.54 -48.10 1.60
CA PRO A 143 8.62 -47.70 0.71
C PRO A 143 8.19 -46.64 -0.31
N LEU A 144 9.06 -45.65 -0.52
CA LEU A 144 8.85 -44.62 -1.53
C LEU A 144 9.66 -44.97 -2.77
N LEU A 145 9.07 -44.73 -3.93
CA LEU A 145 9.68 -45.12 -5.19
C LEU A 145 9.64 -44.02 -6.25
N LEU A 146 10.82 -43.53 -6.62
CA LEU A 146 10.92 -42.50 -7.62
C LEU A 146 11.25 -43.11 -8.98
N MET A 147 10.28 -43.11 -9.90
CA MET A 147 10.57 -43.54 -11.26
C MET A 147 11.17 -42.41 -12.06
N ASN A 148 12.48 -42.48 -12.30
CA ASN A 148 13.18 -41.46 -13.06
C ASN A 148 13.11 -41.66 -14.58
N SER A 149 14.05 -41.03 -15.27
CA SER A 149 14.24 -41.15 -16.70
C SER A 149 15.71 -40.86 -16.90
N PHE A 150 16.19 -40.80 -18.14
CA PHE A 150 17.61 -40.47 -18.34
C PHE A 150 17.91 -39.01 -18.04
N ASN A 151 16.93 -38.16 -18.30
CA ASN A 151 17.06 -36.73 -18.04
C ASN A 151 17.02 -36.39 -16.55
N THR A 152 16.76 -37.37 -15.70
CA THR A 152 16.70 -37.14 -14.25
C THR A 152 17.50 -38.13 -13.38
N ASP A 153 17.69 -39.36 -13.88
CA ASP A 153 18.23 -40.48 -13.08
C ASP A 153 19.43 -40.11 -12.21
N LYS A 154 20.57 -39.83 -12.84
CA LYS A 154 21.80 -39.49 -12.11
C LYS A 154 21.60 -38.34 -11.10
N ASP A 155 20.93 -37.27 -11.51
CA ASP A 155 20.69 -36.14 -10.63
C ASP A 155 19.79 -36.51 -9.47
N THR A 156 18.98 -37.56 -9.66
CA THR A 156 18.06 -38.04 -8.61
C THR A 156 18.76 -39.07 -7.71
N GLU A 157 19.68 -39.84 -8.29
CA GLU A 157 20.43 -40.85 -7.54
C GLU A 157 21.29 -40.17 -6.45
N HIS A 158 22.15 -39.22 -6.85
CA HIS A 158 22.96 -38.48 -5.90
C HIS A 158 22.09 -37.66 -4.94
N LEU A 159 21.02 -37.06 -5.47
CA LEU A 159 20.09 -36.26 -4.67
C LEU A 159 19.44 -37.08 -3.56
N ILE A 160 18.85 -38.22 -3.92
CA ILE A 160 18.13 -39.05 -2.96
C ILE A 160 19.01 -39.42 -1.75
N LYS A 161 20.31 -39.62 -2.00
CA LYS A 161 21.27 -40.03 -0.96
C LYS A 161 21.31 -39.08 0.24
N LYS A 162 20.72 -37.91 0.10
CA LYS A 162 20.56 -36.94 1.19
C LYS A 162 19.59 -37.46 2.24
N TYR A 163 18.68 -38.33 1.82
CA TYR A 163 17.63 -38.85 2.70
C TYR A 163 18.10 -40.11 3.42
N SER A 164 19.41 -40.21 3.64
CA SER A 164 19.98 -41.26 4.49
C SER A 164 19.41 -41.14 5.91
N ALA A 165 19.74 -42.12 6.75
CA ALA A 165 19.26 -42.19 8.13
C ALA A 165 17.94 -41.41 8.35
N ASN A 166 16.91 -41.86 7.63
CA ASN A 166 15.55 -41.34 7.80
C ASN A 166 14.55 -42.46 8.15
N ARG A 167 13.34 -42.07 8.53
CA ARG A 167 12.27 -43.03 8.76
C ARG A 167 11.63 -43.42 7.43
N ILE A 168 12.45 -43.49 6.38
CA ILE A 168 11.96 -43.74 5.03
C ILE A 168 12.91 -44.63 4.24
N ARG A 169 12.37 -45.69 3.65
CA ARG A 169 13.13 -46.57 2.77
C ARG A 169 12.90 -46.10 1.34
N ILE A 170 13.80 -45.25 0.86
CA ILE A 170 13.66 -44.61 -0.44
C ILE A 170 14.42 -45.41 -1.49
N ARG A 171 13.81 -45.57 -2.65
CA ARG A 171 14.49 -46.21 -3.77
C ARG A 171 14.07 -45.54 -5.06
N SER A 172 14.99 -45.46 -6.01
CA SER A 172 14.69 -44.97 -7.35
C SER A 172 14.80 -46.07 -8.39
N PHE A 173 14.57 -45.71 -9.65
CA PHE A 173 14.93 -46.50 -10.84
C PHE A 173 14.72 -45.69 -12.13
N ASN A 174 15.23 -46.21 -13.23
CA ASN A 174 15.11 -45.54 -14.53
C ASN A 174 14.10 -46.25 -15.42
N GLN A 175 13.55 -45.52 -16.39
CA GLN A 175 12.66 -46.12 -17.37
C GLN A 175 13.40 -46.28 -18.70
N SER A 176 12.65 -46.53 -19.77
CA SER A 176 13.23 -46.92 -21.05
C SER A 176 13.79 -45.74 -21.85
N ARG A 177 14.86 -46.01 -22.61
CA ARG A 177 15.49 -44.97 -23.45
C ARG A 177 15.19 -45.18 -24.93
N PHE A 178 13.94 -44.96 -25.31
CA PHE A 178 13.47 -45.13 -26.69
C PHE A 178 14.10 -44.11 -27.64
N PRO A 179 14.27 -44.49 -28.92
CA PRO A 179 14.80 -43.53 -29.89
C PRO A 179 13.71 -42.64 -30.50
N ARG A 180 14.06 -41.39 -30.79
CA ARG A 180 13.20 -40.53 -31.60
C ARG A 180 13.33 -40.98 -33.06
N VAL A 181 12.35 -40.60 -33.89
CA VAL A 181 12.39 -40.95 -35.31
C VAL A 181 12.28 -39.70 -36.17
N TYR A 182 13.02 -39.68 -37.28
CA TYR A 182 12.91 -38.59 -38.26
C TYR A 182 11.53 -38.62 -38.92
N LYS A 183 10.79 -37.52 -38.78
CA LYS A 183 9.40 -37.43 -39.25
C LYS A 183 9.23 -37.72 -40.73
N ASP A 184 10.05 -37.09 -41.55
CA ASP A 184 9.97 -37.24 -43.00
C ASP A 184 10.52 -38.57 -43.49
N SER A 185 11.78 -38.87 -43.18
CA SER A 185 12.43 -40.09 -43.65
C SER A 185 11.91 -41.35 -42.96
N LEU A 186 11.36 -41.17 -41.77
CA LEU A 186 10.85 -42.26 -40.92
C LEU A 186 11.94 -43.28 -40.55
N LEU A 187 13.20 -42.82 -40.55
CA LEU A 187 14.33 -43.59 -40.04
C LEU A 187 14.70 -43.09 -38.64
N PRO A 188 15.13 -44.02 -37.75
CA PRO A 188 15.60 -43.67 -36.39
C PRO A 188 16.57 -42.48 -36.35
N VAL A 189 16.53 -41.70 -35.27
CA VAL A 189 17.40 -40.54 -35.15
C VAL A 189 18.87 -40.90 -34.86
N PRO A 190 19.15 -41.71 -33.80
CA PRO A 190 20.55 -42.01 -33.51
C PRO A 190 21.12 -43.16 -34.36
N THR A 191 22.44 -43.32 -34.32
CA THR A 191 23.12 -44.47 -34.92
C THR A 191 23.78 -45.30 -33.83
N GLU A 192 24.46 -44.61 -32.90
CA GLU A 192 25.17 -45.25 -31.79
C GLU A 192 24.36 -45.23 -30.47
N TYR A 193 24.78 -46.05 -29.51
CA TYR A 193 24.17 -46.13 -28.17
C TYR A 193 24.07 -44.78 -27.46
N ASP A 194 24.84 -43.79 -27.91
CA ASP A 194 24.84 -42.48 -27.27
C ASP A 194 24.82 -41.31 -28.25
N SER A 195 25.07 -41.56 -29.53
CA SER A 195 25.02 -40.53 -30.56
C SER A 195 23.84 -39.59 -30.27
N PRO A 196 24.08 -38.28 -30.25
CA PRO A 196 23.52 -37.23 -29.39
C PRO A 196 22.48 -37.62 -28.32
N LEU A 197 22.54 -36.93 -27.18
CA LEU A 197 21.56 -37.07 -26.11
C LEU A 197 20.20 -36.46 -26.51
N ASP A 198 20.18 -35.78 -27.66
CA ASP A 198 18.95 -35.28 -28.26
C ASP A 198 18.16 -36.39 -28.94
N ALA A 199 18.84 -37.47 -29.30
CA ALA A 199 18.25 -38.54 -30.13
C ALA A 199 17.39 -39.56 -29.38
N TRP A 200 17.52 -39.57 -28.05
CA TRP A 200 16.67 -40.42 -27.21
C TRP A 200 15.46 -39.61 -26.73
N TYR A 201 14.48 -40.30 -26.16
CA TYR A 201 13.33 -39.71 -25.48
C TYR A 201 12.71 -40.76 -24.55
N PRO A 202 12.21 -40.34 -23.37
CA PRO A 202 11.52 -41.31 -22.52
C PRO A 202 10.06 -41.45 -22.95
N PRO A 203 9.59 -42.69 -23.17
CA PRO A 203 8.32 -42.90 -23.86
C PRO A 203 7.06 -42.81 -22.96
N GLY A 204 7.05 -41.86 -22.04
CA GLY A 204 5.84 -41.55 -21.30
C GLY A 204 5.51 -42.51 -20.18
N HIS A 205 4.64 -42.05 -19.27
CA HIS A 205 4.35 -42.76 -18.02
C HIS A 205 3.51 -44.03 -18.21
N GLY A 206 3.23 -44.36 -19.46
CA GLY A 206 2.67 -45.66 -19.80
C GLY A 206 3.77 -46.69 -19.73
N ASP A 207 5.00 -46.22 -19.87
CA ASP A 207 6.17 -47.08 -19.77
C ASP A 207 6.36 -47.63 -18.35
N LEU A 208 5.61 -47.08 -17.39
CA LEU A 208 5.75 -47.44 -15.98
C LEU A 208 5.95 -48.94 -15.76
N PHE A 209 4.93 -49.74 -16.10
CA PHE A 209 4.94 -51.18 -15.90
C PHE A 209 6.20 -51.81 -16.51
N GLU A 210 6.26 -51.81 -17.83
CA GLU A 210 7.39 -52.36 -18.60
C GLU A 210 8.72 -52.17 -17.89
N SER A 211 8.94 -50.98 -17.34
CA SER A 211 10.21 -50.61 -16.71
C SER A 211 10.26 -50.95 -15.22
N LEU A 212 9.08 -50.98 -14.60
CA LEU A 212 8.96 -51.46 -13.23
C LEU A 212 9.38 -52.92 -13.22
N HIS A 213 9.12 -53.60 -14.34
CA HIS A 213 9.53 -54.98 -14.54
C HIS A 213 11.04 -55.14 -14.79
N VAL A 214 11.56 -54.40 -15.77
CA VAL A 214 12.98 -54.47 -16.17
C VAL A 214 13.91 -54.12 -15.00
N SER A 215 13.41 -53.30 -14.07
CA SER A 215 14.19 -52.91 -12.90
C SER A 215 14.18 -54.03 -11.87
N GLY A 216 12.99 -54.52 -11.53
CA GLY A 216 12.86 -55.62 -10.58
C GLY A 216 12.23 -55.23 -9.27
N GLU A 217 11.79 -53.97 -9.18
CA GLU A 217 11.04 -53.51 -8.01
C GLU A 217 9.70 -54.21 -8.02
N LEU A 218 9.26 -54.57 -9.22
CA LEU A 218 8.04 -55.35 -9.41
C LEU A 218 8.18 -56.67 -8.68
N ASP A 219 9.28 -57.37 -8.90
CA ASP A 219 9.57 -58.63 -8.21
C ASP A 219 9.70 -58.37 -6.71
N ALA A 220 10.45 -57.32 -6.38
CA ALA A 220 10.75 -56.98 -4.99
C ALA A 220 9.50 -56.63 -4.19
N LEU A 221 8.61 -55.86 -4.80
CA LEU A 221 7.41 -55.41 -4.08
C LEU A 221 6.52 -56.60 -3.71
N ILE A 222 6.21 -57.45 -4.70
CA ILE A 222 5.51 -58.71 -4.44
C ILE A 222 6.31 -59.51 -3.39
N ALA A 223 7.57 -59.80 -3.71
CA ALA A 223 8.48 -60.52 -2.82
C ALA A 223 8.45 -60.02 -1.37
N GLN A 224 8.27 -58.72 -1.16
CA GLN A 224 8.28 -58.15 0.19
C GLN A 224 6.87 -57.88 0.70
N GLY A 225 5.86 -58.44 0.04
CA GLY A 225 4.48 -58.36 0.50
C GLY A 225 3.73 -57.07 0.20
N ARG A 226 4.18 -56.31 -0.80
CA ARG A 226 3.45 -55.11 -1.22
C ARG A 226 2.43 -55.51 -2.26
N GLU A 227 1.16 -55.23 -1.97
CA GLU A 227 0.09 -55.57 -2.89
C GLU A 227 -0.26 -54.43 -3.86
N ILE A 228 -0.32 -53.20 -3.35
CA ILE A 228 -0.80 -52.09 -4.17
C ILE A 228 0.18 -50.91 -4.30
N LEU A 229 0.48 -50.53 -5.54
CA LEU A 229 1.14 -49.25 -5.87
C LEU A 229 0.17 -48.05 -5.89
N PHE A 230 0.57 -46.96 -5.25
CA PHE A 230 -0.22 -45.74 -5.26
C PHE A 230 0.50 -44.67 -6.07
N VAL A 231 0.38 -44.76 -7.39
CA VAL A 231 1.11 -43.91 -8.32
C VAL A 231 0.52 -42.50 -8.39
N SER A 232 1.40 -41.51 -8.45
CA SER A 232 0.99 -40.12 -8.69
C SER A 232 2.07 -39.37 -9.46
N ASN A 233 1.70 -38.25 -10.09
CA ASN A 233 2.65 -37.34 -10.73
C ASN A 233 3.68 -36.74 -9.77
N GLY A 234 4.80 -36.32 -10.31
CA GLY A 234 5.82 -35.64 -9.51
C GLY A 234 5.25 -34.36 -8.97
N ASP A 235 4.72 -33.54 -9.86
CA ASP A 235 4.27 -32.22 -9.54
C ASP A 235 2.82 -32.12 -9.01
N ASN A 236 2.26 -33.23 -8.53
CA ASN A 236 1.00 -33.17 -7.78
C ASN A 236 1.20 -33.13 -6.25
N LEU A 237 0.78 -32.03 -5.63
CA LEU A 237 1.03 -31.83 -4.21
C LEU A 237 -0.10 -32.32 -3.29
N GLY A 238 -1.26 -32.65 -3.88
CA GLY A 238 -2.39 -33.16 -3.10
C GLY A 238 -2.50 -34.67 -3.02
N ALA A 239 -1.59 -35.35 -3.74
CA ALA A 239 -1.60 -36.80 -3.87
C ALA A 239 -1.14 -37.53 -2.59
N THR A 240 -1.89 -37.35 -1.52
CA THR A 240 -1.58 -38.02 -0.25
C THR A 240 -2.10 -39.47 -0.27
N VAL A 241 -1.72 -40.26 0.73
CA VAL A 241 -2.29 -41.59 0.91
C VAL A 241 -3.65 -41.52 1.60
N ASP A 242 -4.68 -41.98 0.89
CA ASP A 242 -6.03 -41.99 1.41
C ASP A 242 -6.37 -43.39 1.82
N LEU A 243 -6.39 -43.62 3.13
CA LEU A 243 -6.76 -44.93 3.67
C LEU A 243 -8.19 -45.28 3.29
N LYS A 244 -9.11 -44.34 3.51
CA LYS A 244 -10.50 -44.53 3.15
C LYS A 244 -10.62 -45.16 1.75
N ILE A 245 -9.71 -44.80 0.83
CA ILE A 245 -9.68 -45.40 -0.52
C ILE A 245 -9.03 -46.78 -0.53
N LEU A 246 -7.87 -46.89 0.10
CA LEU A 246 -7.16 -48.18 0.21
C LEU A 246 -8.10 -49.35 0.59
N ASN A 247 -8.89 -49.20 1.65
CA ASN A 247 -9.83 -50.26 2.05
C ASN A 247 -10.95 -50.52 1.04
N HIS A 248 -11.53 -49.48 0.46
CA HIS A 248 -12.46 -49.66 -0.67
C HIS A 248 -11.83 -50.53 -1.75
N MET A 249 -10.60 -50.21 -2.12
CA MET A 249 -9.92 -50.93 -3.17
C MET A 249 -9.73 -52.39 -2.84
N ILE A 250 -9.59 -52.72 -1.56
CA ILE A 250 -9.29 -54.10 -1.16
C ILE A 250 -10.55 -54.92 -0.90
N GLU A 251 -11.59 -54.26 -0.36
CA GLU A 251 -12.92 -54.84 -0.18
C GLU A 251 -13.55 -55.26 -1.51
N THR A 252 -13.33 -54.45 -2.54
CA THR A 252 -13.81 -54.71 -3.90
C THR A 252 -12.92 -55.69 -4.65
N GLY A 253 -11.70 -55.90 -4.15
CA GLY A 253 -10.67 -56.68 -4.86
C GLY A 253 -10.31 -56.19 -6.26
N ALA A 254 -10.75 -54.96 -6.61
CA ALA A 254 -10.43 -54.33 -7.90
C ALA A 254 -8.93 -54.17 -8.08
N GLU A 255 -8.42 -54.45 -9.28
CA GLU A 255 -6.98 -54.49 -9.49
C GLU A 255 -6.35 -53.14 -9.90
N TYR A 256 -7.20 -52.14 -10.15
CA TYR A 256 -6.74 -50.84 -10.63
C TYR A 256 -7.79 -49.78 -10.35
N ILE A 257 -7.43 -48.77 -9.55
CA ILE A 257 -8.35 -47.66 -9.29
C ILE A 257 -7.78 -46.32 -9.77
N MET A 258 -8.58 -45.60 -10.57
CA MET A 258 -8.19 -44.29 -11.10
C MET A 258 -8.97 -43.16 -10.41
N GLU A 259 -8.24 -42.21 -9.84
CA GLU A 259 -8.84 -41.10 -9.12
C GLU A 259 -9.26 -40.02 -10.11
N LEU A 260 -10.54 -39.70 -10.08
CA LEU A 260 -11.10 -38.72 -11.00
C LEU A 260 -11.68 -37.57 -10.23
N THR A 261 -11.60 -36.38 -10.78
CA THR A 261 -12.14 -35.21 -10.11
C THR A 261 -13.00 -34.43 -11.08
N ASP A 262 -13.95 -33.66 -10.57
CA ASP A 262 -14.85 -32.88 -11.43
C ASP A 262 -14.04 -32.02 -12.40
N LYS A 263 -14.57 -31.86 -13.61
CA LYS A 263 -13.97 -30.98 -14.61
C LYS A 263 -14.57 -29.59 -14.50
N THR A 264 -13.74 -28.56 -14.57
CA THR A 264 -14.24 -27.18 -14.68
C THR A 264 -13.83 -26.52 -15.99
N ARG A 265 -14.40 -25.34 -16.26
CA ARG A 265 -14.10 -24.54 -17.46
C ARG A 265 -12.67 -24.70 -17.98
N ALA A 266 -11.72 -24.80 -17.05
CA ALA A 266 -10.28 -24.76 -17.33
C ALA A 266 -9.67 -26.13 -17.62
N ASP A 267 -10.51 -27.15 -17.65
CA ASP A 267 -10.01 -28.52 -17.80
C ASP A 267 -10.97 -29.35 -18.66
N VAL A 268 -11.32 -28.79 -19.82
CA VAL A 268 -12.15 -29.47 -20.84
C VAL A 268 -11.43 -30.62 -21.57
N LYS A 269 -10.17 -30.39 -21.92
CA LYS A 269 -9.40 -31.34 -22.72
C LYS A 269 -8.47 -32.27 -21.92
N GLY A 270 -8.81 -32.48 -20.64
CA GLY A 270 -8.19 -33.55 -19.86
C GLY A 270 -8.90 -34.86 -20.18
N GLY A 271 -8.23 -35.99 -19.90
CA GLY A 271 -8.83 -37.30 -20.14
C GLY A 271 -9.90 -37.70 -19.14
N THR A 272 -10.87 -38.50 -19.56
CA THR A 272 -11.89 -39.00 -18.66
C THR A 272 -12.18 -40.48 -18.86
N LEU A 273 -12.96 -41.05 -17.95
CA LEU A 273 -13.20 -42.48 -17.95
C LEU A 273 -14.59 -42.79 -18.42
N ILE A 274 -14.71 -43.82 -19.26
CA ILE A 274 -16.00 -44.25 -19.83
C ILE A 274 -16.16 -45.76 -19.89
N SER A 275 -17.41 -46.24 -19.85
CA SER A 275 -17.67 -47.65 -20.20
C SER A 275 -17.84 -47.75 -21.72
N TYR A 276 -17.14 -48.72 -22.31
CA TYR A 276 -17.09 -48.86 -23.77
C TYR A 276 -16.98 -50.33 -24.15
N ASP A 277 -17.97 -50.83 -24.89
CA ASP A 277 -18.02 -52.24 -25.30
C ASP A 277 -17.52 -53.18 -24.21
N GLY A 278 -18.16 -53.11 -23.04
CA GLY A 278 -17.93 -54.09 -21.97
C GLY A 278 -16.89 -53.73 -20.93
N GLN A 279 -15.88 -52.94 -21.32
CA GLN A 279 -14.79 -52.53 -20.43
C GLN A 279 -14.84 -51.03 -20.12
N VAL A 280 -14.27 -50.66 -18.98
CA VAL A 280 -14.03 -49.24 -18.65
C VAL A 280 -12.66 -48.84 -19.17
N ARG A 281 -12.62 -47.81 -20.02
CA ARG A 281 -11.36 -47.28 -20.58
C ARG A 281 -11.25 -45.74 -20.43
N LEU A 282 -10.05 -45.19 -20.63
CA LEU A 282 -9.89 -43.73 -20.62
C LEU A 282 -9.99 -43.15 -22.03
N LEU A 283 -10.97 -42.29 -22.27
CA LEU A 283 -11.04 -41.56 -23.53
C LEU A 283 -10.30 -40.24 -23.42
N GLU A 284 -9.28 -40.09 -24.24
CA GLU A 284 -8.65 -38.78 -24.44
C GLU A 284 -9.21 -38.14 -25.73
N VAL A 285 -8.96 -36.85 -25.92
CA VAL A 285 -9.45 -36.10 -27.09
C VAL A 285 -9.10 -36.73 -28.45
N ALA A 286 -7.92 -37.33 -28.53
CA ALA A 286 -7.45 -37.94 -29.78
C ALA A 286 -8.34 -39.09 -30.25
N GLN A 287 -9.01 -39.75 -29.31
CA GLN A 287 -9.86 -40.89 -29.64
C GLN A 287 -11.26 -40.48 -30.10
N VAL A 288 -11.58 -39.19 -29.93
CA VAL A 288 -12.89 -38.67 -30.29
C VAL A 288 -12.90 -38.32 -31.77
N PRO A 289 -13.96 -38.73 -32.50
CA PRO A 289 -14.14 -38.28 -33.90
C PRO A 289 -14.19 -36.76 -33.96
N LYS A 290 -13.47 -36.16 -34.92
CA LYS A 290 -13.42 -34.69 -35.06
C LYS A 290 -14.79 -34.03 -35.14
N GLU A 291 -15.82 -34.85 -35.32
CA GLU A 291 -17.22 -34.42 -35.41
C GLU A 291 -17.87 -34.17 -34.04
N HIS A 292 -17.16 -34.51 -32.96
CA HIS A 292 -17.81 -34.69 -31.65
C HIS A 292 -17.25 -33.95 -30.44
N ILE A 293 -16.09 -33.31 -30.60
CA ILE A 293 -15.44 -32.63 -29.48
C ILE A 293 -16.32 -31.51 -28.90
N ASP A 294 -17.15 -30.90 -29.75
CA ASP A 294 -18.18 -29.95 -29.30
C ASP A 294 -19.23 -30.61 -28.35
N GLU A 295 -19.07 -31.92 -28.12
CA GLU A 295 -19.91 -32.65 -27.19
C GLU A 295 -19.04 -33.19 -26.03
N PHE A 296 -17.82 -33.59 -26.37
CA PHE A 296 -16.90 -34.13 -25.38
C PHE A 296 -16.59 -33.09 -24.31
N LYS A 297 -16.44 -31.83 -24.75
CA LYS A 297 -16.11 -30.75 -23.84
C LYS A 297 -17.32 -30.16 -23.05
N ASN A 298 -18.54 -30.56 -23.39
CA ASN A 298 -19.68 -30.19 -22.54
C ASN A 298 -19.56 -30.83 -21.16
N ILE A 299 -19.05 -30.08 -20.19
CA ILE A 299 -18.84 -30.64 -18.85
C ILE A 299 -20.15 -30.93 -18.11
N ARG A 300 -21.28 -30.77 -18.80
CA ARG A 300 -22.55 -31.30 -18.32
C ARG A 300 -22.68 -32.79 -18.63
N LYS A 301 -22.00 -33.23 -19.69
CA LYS A 301 -22.07 -34.62 -20.15
C LYS A 301 -20.83 -35.45 -19.80
N PHE A 302 -19.68 -34.79 -19.65
CA PHE A 302 -18.47 -35.49 -19.23
C PHE A 302 -17.83 -34.75 -18.06
N THR A 303 -18.09 -35.27 -16.87
CA THR A 303 -17.98 -34.47 -15.66
C THR A 303 -16.71 -34.64 -14.83
N ASN A 304 -15.91 -35.66 -15.12
CA ASN A 304 -14.68 -35.90 -14.37
C ASN A 304 -13.48 -35.88 -15.26
N PHE A 305 -12.30 -35.79 -14.68
CA PHE A 305 -11.08 -36.17 -15.39
C PHE A 305 -10.07 -36.92 -14.55
N ASN A 306 -9.22 -37.66 -15.26
CA ASN A 306 -8.15 -38.47 -14.73
C ASN A 306 -7.17 -37.56 -14.04
N THR A 307 -7.19 -37.55 -12.71
CA THR A 307 -6.24 -36.74 -11.94
C THR A 307 -4.85 -37.36 -11.91
N ASN A 308 -4.71 -38.50 -12.59
CA ASN A 308 -3.51 -39.33 -12.59
C ASN A 308 -3.01 -39.93 -11.25
N ASN A 309 -3.83 -39.85 -10.21
CA ASN A 309 -3.59 -40.65 -9.02
C ASN A 309 -4.14 -42.05 -9.26
N LEU A 310 -3.23 -43.01 -9.45
CA LEU A 310 -3.61 -44.36 -9.83
C LEU A 310 -3.20 -45.34 -8.75
N TRP A 311 -4.17 -46.12 -8.26
CA TRP A 311 -3.90 -47.23 -7.34
C TRP A 311 -3.86 -48.50 -8.18
N ILE A 312 -2.85 -49.34 -7.99
CA ILE A 312 -2.58 -50.42 -8.94
C ILE A 312 -2.11 -51.72 -8.31
N ASN A 313 -2.79 -52.81 -8.64
CA ASN A 313 -2.46 -54.14 -8.12
C ASN A 313 -1.26 -54.85 -8.79
N LEU A 314 -0.16 -54.95 -8.04
CA LEU A 314 1.13 -55.39 -8.58
C LEU A 314 1.11 -56.79 -9.19
N LYS A 315 0.43 -57.72 -8.53
CA LYS A 315 0.23 -59.07 -9.05
C LYS A 315 -0.45 -59.00 -10.42
N ALA A 316 -1.50 -58.18 -10.52
CA ALA A 316 -2.22 -58.03 -11.79
C ALA A 316 -1.29 -57.48 -12.86
N VAL A 317 -0.36 -56.63 -12.46
CA VAL A 317 0.65 -56.08 -13.37
C VAL A 317 1.59 -57.18 -13.87
N LYS A 318 1.98 -58.10 -12.98
CA LYS A 318 2.90 -59.20 -13.33
C LYS A 318 2.31 -60.08 -14.42
N ARG A 319 1.11 -60.59 -14.15
CA ARG A 319 0.37 -61.48 -15.04
C ARG A 319 0.17 -60.82 -16.41
N LEU A 320 -0.28 -59.57 -16.40
CA LEU A 320 -0.56 -58.83 -17.63
C LEU A 320 0.68 -58.56 -18.47
N ILE A 321 1.80 -58.27 -17.80
CA ILE A 321 3.06 -58.06 -18.49
C ILE A 321 3.49 -59.38 -19.13
N GLU A 322 3.42 -60.47 -18.35
CA GLU A 322 3.88 -61.81 -18.77
C GLU A 322 3.16 -62.34 -20.01
N SER A 323 1.86 -62.05 -20.12
CA SER A 323 1.07 -62.45 -21.29
C SER A 323 0.97 -61.34 -22.35
N SER A 324 1.74 -60.25 -22.16
CA SER A 324 1.74 -59.07 -23.02
C SER A 324 0.33 -58.54 -23.36
N ASN A 325 -0.54 -58.55 -22.36
CA ASN A 325 -1.91 -58.09 -22.52
C ASN A 325 -2.02 -56.57 -22.39
N LEU A 326 -1.10 -55.98 -21.63
CA LEU A 326 -1.03 -54.54 -21.48
C LEU A 326 -0.57 -53.90 -22.79
N GLU A 327 -1.41 -53.01 -23.34
CA GLU A 327 -1.14 -52.32 -24.60
C GLU A 327 -2.03 -51.09 -24.72
N MET A 328 -1.44 -49.93 -24.43
CA MET A 328 -2.14 -48.64 -24.43
C MET A 328 -2.19 -47.95 -25.80
N GLU A 329 -3.04 -46.93 -25.89
CA GLU A 329 -3.19 -46.09 -27.09
C GLU A 329 -1.91 -45.35 -27.44
N ILE A 330 -1.62 -45.24 -28.73
CA ILE A 330 -0.38 -44.60 -29.21
C ILE A 330 -0.50 -43.08 -29.20
N ILE A 331 0.44 -42.40 -28.52
CA ILE A 331 0.52 -40.93 -28.54
C ILE A 331 1.76 -40.45 -29.31
N PRO A 332 1.59 -40.03 -30.57
CA PRO A 332 2.64 -39.63 -31.51
C PRO A 332 3.54 -38.48 -31.04
N ASN A 333 2.96 -37.41 -30.50
CA ASN A 333 3.71 -36.23 -30.02
C ASN A 333 4.92 -35.84 -30.89
N GLN A 334 4.66 -35.06 -31.95
CA GLN A 334 5.70 -34.56 -32.85
C GLN A 334 6.48 -33.41 -32.21
N LYS A 335 7.82 -33.51 -32.21
CA LYS A 335 8.68 -32.49 -31.62
C LYS A 335 9.86 -32.16 -32.54
N THR A 336 10.67 -31.19 -32.13
CA THR A 336 11.77 -30.68 -32.95
C THR A 336 13.07 -30.47 -32.16
N ILE A 337 14.21 -30.67 -32.83
CA ILE A 337 15.52 -30.33 -32.30
C ILE A 337 16.50 -30.14 -33.46
N THR A 338 17.48 -29.26 -33.27
CA THR A 338 18.42 -28.90 -34.34
C THR A 338 19.66 -29.81 -34.41
N ARG A 339 19.82 -30.48 -35.56
CA ARG A 339 20.98 -31.35 -35.80
C ARG A 339 22.06 -30.59 -36.57
N ASN A 345 11.84 -31.98 -38.52
CA ASN A 345 10.95 -32.40 -37.44
C ASN A 345 11.05 -33.90 -37.09
N VAL A 346 10.60 -34.26 -35.88
CA VAL A 346 10.73 -35.62 -35.35
C VAL A 346 9.46 -36.13 -34.65
N LEU A 347 9.35 -37.46 -34.53
CA LEU A 347 8.20 -38.11 -33.88
C LEU A 347 8.59 -38.98 -32.66
N GLN A 348 7.79 -38.87 -31.59
CA GLN A 348 8.03 -39.54 -30.30
C GLN A 348 6.86 -40.44 -29.88
N LEU A 349 6.71 -41.61 -30.48
CA LEU A 349 5.59 -42.48 -30.09
C LEU A 349 5.66 -42.81 -28.58
N GLU A 350 4.65 -42.39 -27.81
CA GLU A 350 4.63 -42.66 -26.36
C GLU A 350 3.25 -43.04 -25.81
N THR A 351 3.15 -43.29 -24.49
CA THR A 351 1.93 -43.89 -23.91
C THR A 351 1.61 -43.49 -22.48
N ALA A 352 0.39 -43.78 -22.04
CA ALA A 352 -0.09 -43.39 -20.70
C ALA A 352 -0.64 -44.53 -19.81
N CYS A 353 0.05 -44.76 -18.69
CA CYS A 353 -0.39 -45.68 -17.63
C CYS A 353 -1.89 -45.61 -17.40
N GLY A 354 -2.42 -44.40 -17.34
CA GLY A 354 -3.83 -44.19 -17.11
C GLY A 354 -4.72 -44.98 -18.06
N ALA A 355 -4.30 -45.08 -19.32
CA ALA A 355 -5.13 -45.70 -20.35
C ALA A 355 -5.20 -47.23 -20.22
N ALA A 356 -4.20 -47.81 -19.57
CA ALA A 356 -4.08 -49.27 -19.38
C ALA A 356 -5.23 -49.89 -18.60
N ILE A 357 -6.00 -49.03 -17.92
CA ILE A 357 -7.03 -49.45 -16.96
C ILE A 357 -8.01 -50.51 -17.48
N ARG A 358 -8.24 -50.53 -18.80
CA ARG A 358 -9.14 -51.49 -19.42
C ARG A 358 -8.67 -52.93 -19.24
N HIS A 359 -7.37 -53.15 -19.45
CA HIS A 359 -6.76 -54.48 -19.35
C HIS A 359 -6.82 -55.08 -17.94
N PHE A 360 -7.11 -54.27 -16.93
CA PHE A 360 -7.12 -54.76 -15.55
C PHE A 360 -8.53 -55.15 -15.14
N ASP A 361 -8.63 -56.18 -14.30
CA ASP A 361 -9.94 -56.69 -13.91
C ASP A 361 -10.44 -55.97 -12.69
N GLY A 362 -11.75 -55.77 -12.62
CA GLY A 362 -12.39 -55.13 -11.50
C GLY A 362 -12.20 -53.62 -11.51
N ALA A 363 -11.34 -53.16 -12.42
CA ALA A 363 -10.93 -51.76 -12.51
C ALA A 363 -12.10 -50.79 -12.61
N HIS A 364 -11.94 -49.61 -12.03
CA HIS A 364 -12.96 -48.57 -12.04
C HIS A 364 -12.44 -47.26 -11.47
N GLY A 365 -13.27 -46.23 -11.46
CA GLY A 365 -12.85 -44.92 -11.01
C GLY A 365 -13.55 -44.45 -9.75
N VAL A 366 -12.92 -43.47 -9.09
CA VAL A 366 -13.53 -42.83 -7.93
C VAL A 366 -13.34 -41.30 -7.88
N VAL A 367 -14.48 -40.59 -7.79
CA VAL A 367 -14.60 -39.14 -7.77
C VAL A 367 -14.13 -38.54 -6.45
N VAL A 368 -12.98 -37.89 -6.47
CA VAL A 368 -12.38 -37.23 -5.29
C VAL A 368 -12.67 -35.72 -5.25
N PRO A 369 -12.35 -35.05 -4.12
CA PRO A 369 -12.43 -33.59 -4.19
C PRO A 369 -11.15 -33.07 -4.84
N ARG A 370 -11.20 -31.87 -5.42
CA ARG A 370 -10.01 -31.28 -6.04
C ARG A 370 -8.76 -31.26 -5.11
N SER A 371 -8.97 -31.19 -3.80
CA SER A 371 -7.90 -31.38 -2.83
C SER A 371 -6.78 -32.26 -3.39
N ARG A 372 -7.08 -33.49 -3.78
CA ARG A 372 -6.04 -34.40 -4.24
C ARG A 372 -5.57 -34.12 -5.67
N PHE A 373 -6.03 -33.01 -6.25
CA PHE A 373 -5.39 -32.44 -7.46
C PHE A 373 -4.87 -31.01 -7.21
N LEU A 374 -3.55 -30.90 -7.07
CA LEU A 374 -2.91 -29.62 -6.92
C LEU A 374 -1.66 -29.65 -7.76
N PRO A 375 -1.81 -29.61 -9.10
CA PRO A 375 -0.61 -29.64 -9.93
C PRO A 375 0.18 -28.35 -9.73
N VAL A 376 1.50 -28.45 -9.82
CA VAL A 376 2.28 -27.26 -9.89
C VAL A 376 3.02 -27.26 -11.21
N LYS A 377 2.41 -26.60 -12.19
CA LYS A 377 2.96 -26.52 -13.56
C LYS A 377 3.67 -25.19 -13.78
N THR A 378 3.28 -24.18 -13.02
CA THR A 378 3.58 -22.81 -13.35
C THR A 378 3.77 -21.96 -12.09
N CYS A 379 4.69 -20.98 -12.16
CA CYS A 379 4.93 -20.08 -11.02
C CYS A 379 3.65 -19.43 -10.47
N SER A 380 2.58 -19.43 -11.27
CA SER A 380 1.25 -19.11 -10.75
C SER A 380 0.76 -20.11 -9.72
N ASP A 381 0.82 -21.41 -10.07
CA ASP A 381 0.62 -22.51 -9.12
C ASP A 381 1.52 -22.36 -7.90
N LEU A 382 2.79 -22.03 -8.15
CA LEU A 382 3.76 -21.73 -7.11
C LEU A 382 3.39 -20.61 -6.16
N LEU A 383 2.71 -19.57 -6.64
CA LEU A 383 2.29 -18.49 -5.75
C LEU A 383 1.23 -19.03 -4.84
N LEU A 384 0.30 -19.79 -5.42
CA LEU A 384 -0.84 -20.37 -4.71
C LEU A 384 -0.40 -21.25 -3.55
N VAL A 385 0.42 -22.25 -3.83
CA VAL A 385 0.77 -23.24 -2.80
C VAL A 385 1.66 -22.63 -1.77
N LYS A 386 2.35 -21.53 -2.12
CA LYS A 386 3.25 -20.84 -1.20
C LYS A 386 2.53 -19.81 -0.32
N SER A 387 1.21 -19.73 -0.41
CA SER A 387 0.50 -18.63 0.24
C SER A 387 -0.27 -19.05 1.48
N ASP A 388 -0.80 -18.06 2.20
CA ASP A 388 -1.63 -18.29 3.41
C ASP A 388 -2.89 -19.12 3.15
N LEU A 389 -3.09 -19.50 1.90
CA LEU A 389 -4.15 -20.45 1.56
C LEU A 389 -3.92 -21.81 2.25
N PHE A 390 -2.65 -22.19 2.41
CA PHE A 390 -2.27 -23.49 3.00
C PHE A 390 -1.40 -23.32 4.23
N ARG A 391 -1.71 -24.13 5.25
CA ARG A 391 -0.78 -24.38 6.35
C ARG A 391 -0.06 -25.65 5.96
N LEU A 392 1.22 -25.75 6.31
CA LEU A 392 1.91 -27.00 6.06
C LEU A 392 1.87 -27.87 7.32
N GLU A 393 1.72 -29.19 7.16
CA GLU A 393 1.71 -30.12 8.30
C GLU A 393 2.18 -31.52 7.92
N HIS A 394 3.35 -31.89 8.42
CA HIS A 394 3.93 -33.20 8.19
C HIS A 394 4.00 -33.57 6.71
N GLY A 395 4.34 -32.57 5.89
CA GLY A 395 4.57 -32.74 4.46
C GLY A 395 3.35 -32.57 3.59
N SER A 396 2.24 -32.08 4.17
CA SER A 396 1.01 -31.93 3.39
C SER A 396 0.40 -30.52 3.52
N LEU A 397 0.03 -29.96 2.37
CA LEU A 397 -0.66 -28.69 2.33
C LEU A 397 -2.10 -28.84 2.82
N LYS A 398 -2.42 -28.33 3.98
CA LYS A 398 -3.80 -28.30 4.40
C LYS A 398 -4.41 -26.98 3.97
N LEU A 399 -5.50 -27.02 3.22
CA LEU A 399 -6.16 -25.79 2.81
C LEU A 399 -6.83 -25.20 4.03
N ASP A 400 -6.71 -23.88 4.18
CA ASP A 400 -7.32 -23.09 5.25
C ASP A 400 -8.81 -23.34 5.39
N PRO A 401 -9.25 -23.65 6.61
CA PRO A 401 -10.65 -23.92 6.96
C PRO A 401 -11.66 -22.84 6.52
N SER A 402 -11.29 -21.56 6.66
CA SER A 402 -12.17 -20.45 6.27
C SER A 402 -12.48 -20.44 4.78
N ARG A 403 -11.53 -20.92 4.00
CA ARG A 403 -11.63 -20.88 2.53
C ARG A 403 -12.83 -21.69 2.02
N PHE A 404 -13.90 -20.98 1.67
CA PHE A 404 -15.18 -21.61 1.33
C PHE A 404 -15.36 -21.80 -0.18
N GLY A 405 -14.86 -22.93 -0.69
CA GLY A 405 -15.06 -23.28 -2.10
C GLY A 405 -13.80 -23.36 -2.92
N PRO A 406 -13.84 -22.86 -4.17
CA PRO A 406 -12.75 -23.07 -5.12
C PRO A 406 -11.57 -22.09 -4.94
N ASN A 407 -10.37 -22.61 -5.17
CA ASN A 407 -9.14 -21.83 -5.14
C ASN A 407 -9.21 -20.52 -5.94
N PRO A 408 -8.41 -19.51 -5.54
CA PRO A 408 -8.49 -18.34 -6.38
C PRO A 408 -7.79 -18.63 -7.72
N LEU A 409 -8.24 -17.94 -8.76
CA LEU A 409 -7.69 -18.06 -10.10
C LEU A 409 -6.55 -17.11 -10.29
N ILE A 410 -5.35 -17.69 -10.40
CA ILE A 410 -4.14 -16.89 -10.58
C ILE A 410 -3.50 -17.04 -11.99
N LYS A 411 -3.61 -15.83 -12.81
CA LYS A 411 -3.03 -15.82 -14.12
C LYS A 411 -1.90 -14.76 -14.02
N LEU A 412 -0.62 -15.09 -13.35
CA LEU A 412 0.63 -14.27 -13.46
C LEU A 412 1.10 -14.22 -14.91
N GLY A 413 1.60 -13.05 -15.38
CA GLY A 413 1.99 -12.90 -16.77
C GLY A 413 3.35 -13.46 -17.01
N SER A 414 3.92 -13.04 -18.13
CA SER A 414 5.19 -13.68 -18.59
C SER A 414 6.50 -13.29 -17.86
N HIS A 415 6.56 -12.10 -17.14
CA HIS A 415 7.89 -11.75 -16.52
C HIS A 415 8.04 -12.70 -15.36
N PHE A 416 6.96 -13.48 -15.13
CA PHE A 416 6.86 -14.33 -13.97
C PHE A 416 7.10 -15.79 -14.38
N LYS A 417 7.57 -16.04 -15.60
CA LYS A 417 7.63 -17.45 -16.06
C LYS A 417 8.73 -18.30 -15.42
N LYS A 418 9.98 -17.87 -15.58
CA LYS A 418 11.10 -18.52 -14.90
C LYS A 418 10.95 -18.37 -13.38
N VAL A 419 11.55 -19.28 -12.61
CA VAL A 419 11.49 -19.13 -11.15
C VAL A 419 12.36 -17.94 -10.66
N SER A 420 13.39 -17.61 -11.43
CA SER A 420 14.24 -16.52 -11.06
C SER A 420 13.40 -15.23 -10.97
N GLY A 421 12.67 -14.96 -12.05
CA GLY A 421 11.82 -13.78 -12.20
C GLY A 421 10.79 -13.81 -11.12
N PHE A 422 10.15 -14.96 -10.94
CA PHE A 422 9.14 -15.06 -9.89
C PHE A 422 9.70 -14.53 -8.56
N ASN A 423 10.88 -15.01 -8.18
CA ASN A 423 11.46 -14.60 -6.91
C ASN A 423 11.88 -13.15 -6.83
N ALA A 424 12.42 -12.66 -7.96
CA ALA A 424 12.61 -11.24 -8.21
C ALA A 424 11.40 -10.43 -7.76
N ARG A 425 10.24 -10.71 -8.32
CA ARG A 425 9.06 -9.89 -8.10
C ARG A 425 8.14 -10.27 -6.92
N ILE A 426 8.09 -11.53 -6.51
CA ILE A 426 7.37 -11.85 -5.29
C ILE A 426 8.25 -12.57 -4.24
N PRO A 427 9.24 -11.84 -3.67
CA PRO A 427 9.99 -12.40 -2.53
C PRO A 427 9.18 -12.45 -1.21
N HIS A 428 7.92 -12.01 -1.23
CA HIS A 428 7.10 -11.97 -0.03
C HIS A 428 5.67 -12.33 -0.40
N ILE A 429 5.38 -13.61 -0.51
CA ILE A 429 4.05 -14.05 -0.93
C ILE A 429 2.95 -13.23 -0.26
N PRO A 430 2.14 -12.49 -1.05
CA PRO A 430 1.03 -11.68 -0.53
C PRO A 430 -0.05 -12.49 0.13
N LYS A 431 -0.67 -11.95 1.16
CA LYS A 431 -1.82 -12.60 1.78
C LYS A 431 -2.99 -12.58 0.77
N ILE A 432 -3.53 -13.76 0.46
CA ILE A 432 -4.54 -13.93 -0.61
C ILE A 432 -5.70 -14.86 -0.23
N VAL A 433 -5.88 -15.07 1.06
CA VAL A 433 -6.90 -15.98 1.56
C VAL A 433 -8.32 -15.55 1.14
N GLU A 434 -8.47 -14.32 0.67
CA GLU A 434 -9.76 -13.79 0.26
C GLU A 434 -9.81 -13.37 -1.22
N LEU A 435 -8.96 -13.97 -2.02
CA LEU A 435 -8.85 -13.60 -3.42
C LEU A 435 -9.84 -14.44 -4.26
N ASP A 436 -10.46 -13.88 -5.31
CA ASP A 436 -11.03 -14.79 -6.32
C ASP A 436 -10.16 -14.84 -7.57
N HIS A 437 -9.91 -13.69 -8.18
CA HIS A 437 -9.17 -13.59 -9.43
C HIS A 437 -8.03 -12.58 -9.23
N LEU A 438 -6.80 -13.03 -9.55
CA LEU A 438 -5.65 -12.13 -9.70
C LEU A 438 -5.03 -12.31 -11.08
N THR A 439 -4.89 -11.20 -11.81
CA THR A 439 -4.18 -11.19 -13.09
C THR A 439 -3.06 -10.13 -13.09
N ILE A 440 -1.86 -10.57 -13.35
CA ILE A 440 -0.75 -9.62 -13.37
C ILE A 440 0.03 -9.70 -14.68
N THR A 441 -0.01 -8.62 -15.45
CA THR A 441 0.62 -8.55 -16.75
C THR A 441 1.71 -7.50 -16.75
N GLY A 442 2.83 -7.80 -17.40
CA GLY A 442 3.87 -6.81 -17.50
C GLY A 442 4.89 -6.89 -16.40
N ASN A 443 5.69 -5.85 -16.27
CA ASN A 443 6.82 -5.89 -15.37
C ASN A 443 6.49 -5.30 -14.00
N VAL A 444 6.10 -6.17 -13.06
CA VAL A 444 5.52 -5.73 -11.80
C VAL A 444 6.20 -6.32 -10.58
N PHE A 445 6.50 -5.45 -9.63
CA PHE A 445 7.18 -5.87 -8.44
C PHE A 445 6.27 -5.68 -7.22
N LEU A 446 6.29 -6.65 -6.33
CA LEU A 446 5.34 -6.70 -5.23
C LEU A 446 6.02 -6.56 -3.89
N GLY A 447 5.56 -5.63 -3.07
CA GLY A 447 6.22 -5.35 -1.79
C GLY A 447 6.06 -6.39 -0.69
N LYS A 448 6.54 -6.05 0.50
CA LYS A 448 6.31 -6.88 1.68
C LYS A 448 4.89 -6.58 2.09
N ASP A 449 4.22 -7.63 2.58
CA ASP A 449 2.87 -7.54 3.13
C ASP A 449 1.81 -6.91 2.23
N VAL A 450 1.73 -7.39 0.99
CA VAL A 450 0.58 -7.03 0.18
C VAL A 450 -0.57 -8.00 0.47
N THR A 451 -1.78 -7.47 0.40
CA THR A 451 -2.98 -8.28 0.54
C THR A 451 -3.80 -8.09 -0.74
N LEU A 452 -4.23 -9.20 -1.32
CA LEU A 452 -4.98 -9.18 -2.56
C LEU A 452 -6.37 -9.74 -2.31
N ARG A 453 -7.39 -8.89 -2.20
CA ARG A 453 -8.76 -9.35 -2.01
C ARG A 453 -9.57 -9.33 -3.32
N GLY A 454 -10.33 -10.40 -3.56
CA GLY A 454 -11.40 -10.38 -4.57
C GLY A 454 -10.84 -10.48 -5.97
N THR A 455 -11.02 -9.41 -6.75
CA THR A 455 -10.33 -9.29 -8.07
C THR A 455 -9.31 -8.16 -8.16
N VAL A 456 -8.07 -8.53 -8.50
CA VAL A 456 -7.01 -7.59 -8.68
C VAL A 456 -6.56 -7.74 -10.10
N ILE A 457 -6.45 -6.64 -10.84
CA ILE A 457 -5.85 -6.69 -12.15
C ILE A 457 -4.79 -5.61 -12.22
N ILE A 458 -3.54 -6.04 -12.31
CA ILE A 458 -2.40 -5.14 -12.42
C ILE A 458 -1.86 -5.36 -13.84
N VAL A 459 -2.00 -4.38 -14.73
CA VAL A 459 -1.42 -4.51 -16.07
C VAL A 459 -0.61 -3.29 -16.42
N CYS A 460 0.66 -3.58 -16.70
CA CYS A 460 1.72 -2.61 -16.89
C CYS A 460 2.24 -2.72 -18.31
N SER A 461 2.15 -1.63 -19.04
CA SER A 461 2.50 -1.60 -20.46
C SER A 461 3.96 -1.80 -20.83
N ASP A 462 4.20 -1.93 -22.14
CA ASP A 462 5.52 -2.28 -22.62
C ASP A 462 6.47 -1.17 -22.18
N GLY A 463 7.64 -1.58 -21.71
CA GLY A 463 8.69 -0.67 -21.35
C GLY A 463 8.47 0.09 -20.06
N HIS A 464 7.38 -0.20 -19.36
CA HIS A 464 7.17 0.39 -18.04
C HIS A 464 7.58 -0.53 -16.87
N LYS A 465 7.34 -0.08 -15.63
CA LYS A 465 7.60 -0.90 -14.44
C LYS A 465 6.67 -0.44 -13.34
N ILE A 466 6.17 -1.39 -12.55
CA ILE A 466 5.40 -0.96 -11.41
C ILE A 466 5.68 -1.69 -10.13
N ASP A 467 5.91 -0.85 -9.13
CA ASP A 467 6.31 -1.24 -7.81
C ASP A 467 5.15 -1.13 -6.82
N ILE A 468 4.49 -2.24 -6.49
CA ILE A 468 3.39 -2.17 -5.51
C ILE A 468 3.91 -1.98 -4.06
N PRO A 469 3.61 -0.85 -3.44
CA PRO A 469 4.19 -0.49 -2.13
C PRO A 469 3.77 -1.32 -0.91
N ASN A 470 4.74 -1.63 -0.04
CA ASN A 470 4.56 -2.47 1.14
C ASN A 470 3.25 -2.25 1.86
N GLY A 471 2.58 -3.37 2.16
CA GLY A 471 1.40 -3.38 3.01
C GLY A 471 0.21 -2.76 2.34
N SER A 472 0.16 -2.83 0.99
CA SER A 472 -1.00 -2.30 0.27
C SER A 472 -2.06 -3.36 0.18
N ILE A 473 -3.31 -2.93 0.29
CA ILE A 473 -4.44 -3.81 0.29
C ILE A 473 -5.16 -3.57 -0.99
N LEU A 474 -4.96 -4.44 -1.97
CA LEU A 474 -5.64 -4.26 -3.23
C LEU A 474 -6.85 -5.16 -3.24
N GLU A 475 -8.01 -4.55 -3.36
CA GLU A 475 -9.25 -5.32 -3.39
C GLU A 475 -10.20 -4.79 -4.44
N ASN A 476 -10.51 -5.65 -5.41
CA ASN A 476 -11.40 -5.31 -6.49
C ASN A 476 -11.01 -4.09 -7.32
N VAL A 477 -9.81 -4.12 -7.95
CA VAL A 477 -9.31 -2.93 -8.64
C VAL A 477 -8.62 -3.29 -9.90
N VAL A 478 -8.48 -2.31 -10.82
CA VAL A 478 -7.58 -2.43 -11.94
C VAL A 478 -6.49 -1.42 -11.66
N VAL A 479 -5.23 -1.86 -11.56
CA VAL A 479 -4.13 -0.94 -11.44
C VAL A 479 -3.26 -0.94 -12.71
N THR A 480 -2.93 0.21 -13.17
CA THR A 480 -2.09 0.40 -14.37
C THR A 480 -1.27 1.67 -14.22
N GLY A 481 -0.20 1.81 -15.01
CA GLY A 481 0.73 2.98 -14.83
C GLY A 481 2.22 2.66 -14.78
N ASN A 482 3.01 3.46 -14.06
CA ASN A 482 4.46 3.40 -14.11
C ASN A 482 4.92 4.00 -12.82
N LEU A 483 5.04 3.15 -11.69
CA LEU A 483 5.44 3.69 -10.39
C LEU A 483 6.79 3.08 -10.00
N GLN A 484 7.81 3.92 -9.80
CA GLN A 484 9.10 3.44 -9.29
C GLN A 484 9.19 3.84 -7.85
N ILE A 485 9.66 2.92 -7.02
CA ILE A 485 9.80 3.14 -5.57
C ILE A 485 11.26 2.91 -5.26
N LEU A 486 11.92 3.91 -4.71
CA LEU A 486 13.35 3.87 -4.56
C LEU A 486 13.75 4.08 -3.14
N GLU A 487 14.56 3.16 -2.62
CA GLU A 487 15.16 3.30 -1.29
C GLU A 487 15.88 4.66 -1.16
N HIS A 488 15.31 5.60 -0.41
CA HIS A 488 15.86 6.98 -0.30
C HIS A 488 17.18 6.99 0.45
N ASN B 9 -0.07 72.27 4.80
CA ASN B 9 0.22 70.70 4.39
C ASN B 9 1.26 70.72 3.26
N SER B 10 1.78 69.53 2.93
CA SER B 10 2.70 69.37 1.79
C SER B 10 1.95 69.39 0.45
N VAL B 11 2.69 69.38 -0.65
CA VAL B 11 2.10 69.42 -2.00
C VAL B 11 1.29 68.16 -2.33
N ALA B 12 1.89 66.99 -2.11
CA ALA B 12 1.20 65.72 -2.28
C ALA B 12 0.25 65.40 -1.11
N ALA B 13 0.48 66.07 0.01
CA ALA B 13 -0.34 65.90 1.22
C ALA B 13 -1.64 66.72 1.19
N SER B 14 -1.56 67.93 0.64
CA SER B 14 -2.74 68.78 0.45
C SER B 14 -3.61 68.26 -0.69
N GLN B 15 -3.02 67.43 -1.55
CA GLN B 15 -3.77 66.73 -2.58
C GLN B 15 -4.55 65.56 -1.97
N MET B 16 -4.03 64.99 -0.89
CA MET B 16 -4.69 63.90 -0.16
C MET B 16 -5.68 64.41 0.89
N ARG B 17 -5.37 65.56 1.49
CA ARG B 17 -6.32 66.25 2.37
C ARG B 17 -7.46 66.84 1.54
N ASN B 18 -7.19 67.00 0.25
CA ASN B 18 -8.20 67.41 -0.73
C ASN B 18 -9.15 66.25 -1.03
N ALA B 19 -8.65 65.03 -0.88
CA ALA B 19 -9.48 63.83 -0.94
C ALA B 19 -10.21 63.65 0.39
N LEU B 20 -9.63 64.19 1.45
CA LEU B 20 -10.30 64.31 2.74
C LEU B 20 -11.38 65.40 2.68
N ASN B 21 -11.25 66.30 1.70
CA ASN B 21 -12.34 67.20 1.35
C ASN B 21 -13.32 66.51 0.40
N LYS B 22 -12.82 65.56 -0.41
CA LYS B 22 -13.65 64.82 -1.36
C LYS B 22 -14.54 63.77 -0.70
N LEU B 23 -14.03 63.14 0.36
CA LEU B 23 -14.78 62.14 1.10
C LEU B 23 -15.83 62.78 2.00
N ASP B 31 -26.92 61.07 2.42
CA ASP B 31 -27.14 59.63 2.42
C ASP B 31 -26.26 58.90 3.46
N ALA B 32 -25.73 59.66 4.42
CA ALA B 32 -25.01 59.11 5.56
C ALA B 32 -25.28 59.95 6.81
N ALA B 33 -26.36 59.62 7.51
CA ALA B 33 -26.85 60.41 8.65
C ALA B 33 -26.01 60.22 9.93
N ARG B 34 -25.16 61.22 10.19
CA ARG B 34 -24.30 61.30 11.39
C ARG B 34 -23.28 60.18 11.54
N ALA B 35 -23.12 59.37 10.49
CA ALA B 35 -22.12 58.31 10.45
C ALA B 35 -20.92 58.75 9.59
N LYS B 36 -20.39 59.95 9.90
CA LYS B 36 -19.27 60.54 9.16
C LYS B 36 -17.94 59.85 9.52
N PHE B 37 -17.55 58.88 8.68
CA PHE B 37 -16.30 58.11 8.82
C PHE B 37 -15.03 58.97 8.77
N GLU B 38 -15.12 60.16 9.37
CA GLU B 38 -14.02 61.11 9.44
C GLU B 38 -12.94 60.57 10.35
N ASN B 39 -13.37 59.94 11.45
CA ASN B 39 -12.48 59.18 12.31
C ASN B 39 -11.61 58.22 11.49
N GLU B 40 -12.23 57.46 10.60
CA GLU B 40 -11.51 56.56 9.68
C GLU B 40 -10.54 57.33 8.78
N LEU B 41 -11.05 58.37 8.13
CA LEU B 41 -10.26 59.16 7.18
C LEU B 41 -9.04 59.85 7.81
N ASP B 42 -9.24 60.43 9.00
CA ASP B 42 -8.18 61.15 9.71
C ASP B 42 -7.01 60.27 10.09
N SER B 43 -7.31 59.11 10.70
CA SER B 43 -6.28 58.18 11.10
C SER B 43 -5.44 57.75 9.89
N PHE B 44 -6.10 57.60 8.75
CA PHE B 44 -5.46 57.31 7.48
C PHE B 44 -4.52 58.43 7.03
N PHE B 45 -4.90 59.68 7.32
CA PHE B 45 -4.11 60.87 6.94
C PHE B 45 -2.75 60.90 7.62
N THR B 46 -2.75 60.78 8.94
CA THR B 46 -1.51 60.74 9.73
C THR B 46 -0.51 59.69 9.20
N LEU B 47 -1.00 58.49 8.93
CA LEU B 47 -0.17 57.42 8.36
C LEU B 47 0.39 57.81 6.99
N PHE B 48 -0.51 58.16 6.07
CA PHE B 48 -0.16 58.45 4.68
C PHE B 48 0.82 59.61 4.54
N ARG B 49 0.62 60.67 5.32
CA ARG B 49 1.52 61.82 5.32
C ARG B 49 2.94 61.40 5.75
N ARG B 50 3.01 60.66 6.87
CA ARG B 50 4.28 60.19 7.41
C ARG B 50 4.93 59.15 6.49
N TYR B 51 4.11 58.31 5.88
CA TYR B 51 4.58 57.35 4.89
C TYR B 51 5.42 58.06 3.83
N LEU B 52 4.91 59.18 3.36
CA LEU B 52 5.61 60.00 2.38
C LEU B 52 6.80 60.76 2.98
N VAL B 53 6.67 61.20 4.23
CA VAL B 53 7.78 61.87 4.93
C VAL B 53 8.97 60.90 5.06
N GLU B 54 8.68 59.69 5.53
CA GLU B 54 9.69 58.64 5.68
C GLU B 54 10.21 58.17 4.33
N LYS B 55 9.44 58.47 3.28
CA LYS B 55 9.83 58.22 1.89
C LYS B 55 11.09 59.02 1.50
N SER B 56 11.32 60.14 2.20
CA SER B 56 12.50 60.99 2.00
C SER B 56 13.79 60.32 2.50
N SER B 57 13.79 59.95 3.77
CA SER B 57 14.96 59.38 4.44
C SER B 57 15.05 57.86 4.30
N ARG B 58 16.24 57.33 4.57
CA ARG B 58 16.38 55.90 4.85
C ARG B 58 15.51 55.62 6.07
N THR B 59 14.60 54.67 5.95
CA THR B 59 13.69 54.31 7.04
C THR B 59 13.93 52.86 7.46
N THR B 60 15.01 52.70 8.21
CA THR B 60 15.59 51.41 8.56
C THR B 60 16.52 51.64 9.76
N LEU B 61 16.27 50.95 10.87
CA LEU B 61 17.07 51.10 12.09
C LEU B 61 18.57 50.96 11.82
N GLU B 62 19.37 51.76 12.52
CA GLU B 62 20.83 51.71 12.37
C GLU B 62 21.36 50.39 12.92
N TRP B 63 22.05 49.63 12.08
CA TRP B 63 22.56 48.31 12.48
C TRP B 63 23.60 48.41 13.59
N ASP B 64 24.42 49.45 13.55
CA ASP B 64 25.42 49.70 14.58
C ASP B 64 24.86 49.68 16.01
N LYS B 65 23.66 50.23 16.18
CA LYS B 65 23.08 50.43 17.49
C LYS B 65 22.07 49.34 17.89
N ILE B 66 21.96 48.29 17.08
CA ILE B 66 21.13 47.14 17.47
C ILE B 66 21.94 46.20 18.37
N LYS B 67 21.45 46.00 19.59
CA LYS B 67 22.09 45.10 20.55
C LYS B 67 21.15 44.00 20.97
N SER B 68 21.71 42.89 21.45
CA SER B 68 20.93 41.71 21.80
C SER B 68 20.38 41.83 23.22
N PRO B 69 19.10 41.49 23.39
CA PRO B 69 18.38 41.54 24.67
C PRO B 69 19.08 40.86 25.85
N ASN B 70 18.97 41.47 27.02
CA ASN B 70 19.53 40.93 28.26
C ASN B 70 18.44 40.41 29.19
N PRO B 71 18.74 39.33 29.96
CA PRO B 71 17.82 38.48 30.74
C PRO B 71 16.60 39.18 31.34
N ASP B 72 16.69 40.49 31.50
CA ASP B 72 15.61 41.31 32.02
C ASP B 72 14.59 41.62 30.94
N GLU B 73 15.06 41.86 29.73
CA GLU B 73 14.21 42.27 28.61
C GLU B 73 13.55 41.07 27.93
N VAL B 74 14.24 39.93 27.97
CA VAL B 74 13.75 38.68 27.38
C VAL B 74 14.01 37.52 28.34
N VAL B 75 12.98 37.15 29.07
CA VAL B 75 13.03 36.19 30.18
C VAL B 75 12.75 34.78 29.68
N LYS B 76 13.63 33.84 29.98
CA LYS B 76 13.44 32.44 29.57
C LYS B 76 12.25 31.81 30.31
N TYR B 77 11.77 30.67 29.81
CA TYR B 77 10.53 30.10 30.36
C TYR B 77 10.70 29.51 31.75
N GLU B 78 11.71 28.67 31.94
CA GLU B 78 12.05 28.12 33.28
C GLU B 78 11.84 29.12 34.42
N ILE B 79 12.22 30.38 34.21
CA ILE B 79 12.07 31.44 35.21
C ILE B 79 10.61 31.71 35.60
N ILE B 80 9.71 31.72 34.63
CA ILE B 80 8.28 31.88 34.94
C ILE B 80 7.79 30.62 35.63
N SER B 81 8.16 29.48 35.03
CA SER B 81 7.55 28.16 35.29
C SER B 81 7.24 27.87 36.75
N GLN B 82 8.21 27.32 37.47
CA GLN B 82 8.07 27.08 38.90
C GLN B 82 8.07 28.43 39.61
N GLN B 83 6.90 29.07 39.67
CA GLN B 83 6.72 30.27 40.49
C GLN B 83 5.34 30.30 41.19
N PRO B 84 4.29 30.81 40.50
CA PRO B 84 3.01 31.03 41.14
C PRO B 84 1.85 30.23 40.53
N GLU B 85 0.64 30.50 41.00
CA GLU B 85 -0.63 30.01 40.42
C GLU B 85 -1.80 30.72 41.12
N ASN B 86 -2.41 31.68 40.43
CA ASN B 86 -3.41 32.56 41.04
C ASN B 86 -4.70 32.71 40.22
N VAL B 87 -5.79 32.16 40.76
CA VAL B 87 -7.10 32.15 40.12
C VAL B 87 -7.70 33.56 40.02
N SER B 88 -7.61 34.30 41.13
CA SER B 88 -8.16 35.65 41.23
C SER B 88 -7.84 36.47 40.00
N ASN B 89 -6.64 36.23 39.46
CA ASN B 89 -6.15 36.89 38.25
C ASN B 89 -7.16 36.96 37.11
N LEU B 90 -7.90 35.88 36.92
CA LEU B 90 -8.89 35.78 35.83
C LEU B 90 -9.95 36.87 35.87
N SER B 91 -10.16 37.47 37.03
CA SER B 91 -11.05 38.61 37.18
C SER B 91 -10.74 39.72 36.16
N LYS B 92 -9.45 39.86 35.84
CA LYS B 92 -8.97 40.92 34.96
C LYS B 92 -8.74 40.46 33.53
N LEU B 93 -8.18 39.27 33.37
CA LEU B 93 -7.78 38.78 32.04
C LEU B 93 -8.93 38.76 31.04
N ALA B 94 -8.67 39.31 29.86
CA ALA B 94 -9.54 39.18 28.71
C ALA B 94 -8.77 38.52 27.54
N VAL B 95 -9.50 37.90 26.62
CA VAL B 95 -8.88 37.15 25.52
C VAL B 95 -9.45 37.61 24.20
N LEU B 96 -8.62 38.24 23.38
CA LEU B 96 -9.04 38.65 22.04
C LEU B 96 -8.40 37.78 20.97
N LYS B 97 -9.17 37.54 19.92
CA LYS B 97 -8.71 36.75 18.79
C LYS B 97 -8.81 37.58 17.52
N LEU B 98 -7.65 37.94 17.00
CA LEU B 98 -7.52 38.58 15.70
C LEU B 98 -8.29 37.77 14.65
N ASN B 99 -9.27 38.39 13.99
CA ASN B 99 -10.19 37.67 13.10
C ASN B 99 -10.45 38.33 11.73
N GLY B 100 -9.53 39.17 11.28
CA GLY B 100 -9.72 39.91 10.02
C GLY B 100 -9.41 39.12 8.76
N GLY B 101 -8.79 37.95 8.93
CA GLY B 101 -8.38 37.11 7.81
C GLY B 101 -9.48 36.40 7.03
N LEU B 102 -9.43 36.55 5.70
CA LEU B 102 -10.20 35.72 4.79
C LEU B 102 -9.39 34.45 4.52
N GLY B 103 -10.04 33.43 3.97
CA GLY B 103 -9.38 32.13 3.78
C GLY B 103 -9.23 31.71 2.33
N THR B 104 -8.93 32.69 1.47
CA THR B 104 -8.84 32.44 0.03
C THR B 104 -7.58 31.66 -0.30
N SER B 105 -6.50 31.98 0.42
CA SER B 105 -5.21 31.29 0.26
C SER B 105 -5.29 29.83 0.70
N MET B 106 -6.39 29.46 1.32
CA MET B 106 -6.68 28.06 1.61
C MET B 106 -7.96 27.65 0.89
N GLY B 107 -8.28 28.43 -0.15
CA GLY B 107 -9.42 28.17 -1.04
C GLY B 107 -10.75 28.20 -0.34
N CYS B 108 -11.05 29.30 0.35
CA CYS B 108 -12.30 29.44 1.09
C CYS B 108 -12.93 30.83 1.04
N VAL B 109 -14.22 30.83 0.75
CA VAL B 109 -15.01 32.04 0.80
C VAL B 109 -15.43 32.25 2.26
N GLY B 110 -14.87 33.29 2.88
CA GLY B 110 -15.27 33.65 4.24
C GLY B 110 -14.12 33.83 5.22
N PRO B 111 -14.47 34.02 6.50
CA PRO B 111 -13.43 34.17 7.51
C PRO B 111 -12.63 32.88 7.60
N LYS B 112 -11.31 32.97 7.39
CA LYS B 112 -10.38 31.84 7.55
C LYS B 112 -10.70 30.99 8.79
N SER B 113 -11.17 31.65 9.85
CA SER B 113 -11.41 30.99 11.11
C SER B 113 -12.67 30.13 11.19
N VAL B 114 -13.47 30.09 10.13
CA VAL B 114 -14.62 29.16 10.07
C VAL B 114 -14.37 27.85 9.32
N ILE B 115 -13.12 27.62 8.91
CA ILE B 115 -12.71 26.34 8.31
C ILE B 115 -12.62 25.23 9.35
N GLU B 116 -13.17 24.05 9.02
CA GLU B 116 -13.05 22.85 9.86
C GLU B 116 -11.58 22.51 9.97
N VAL B 117 -11.02 22.54 11.16
CA VAL B 117 -9.62 22.17 11.33
C VAL B 117 -9.45 20.80 11.94
N ARG B 118 -10.24 20.45 12.95
CA ARG B 118 -10.15 19.11 13.52
C ARG B 118 -11.46 18.53 14.01
N GLU B 119 -11.73 17.29 13.59
CA GLU B 119 -12.96 16.55 13.95
C GLU B 119 -14.16 17.47 13.91
N GLY B 120 -14.40 18.07 12.75
CA GLY B 120 -15.54 18.96 12.61
C GLY B 120 -15.40 20.35 13.20
N ASN B 121 -14.49 20.53 14.15
CA ASN B 121 -14.34 21.83 14.82
C ASN B 121 -13.65 22.87 13.94
N THR B 122 -14.21 24.06 13.86
CA THR B 122 -13.49 25.19 13.23
C THR B 122 -12.43 25.73 14.18
N PHE B 123 -11.66 26.72 13.72
CA PHE B 123 -10.72 27.40 14.57
C PHE B 123 -11.54 27.95 15.72
N LEU B 124 -12.62 28.63 15.33
CA LEU B 124 -13.43 29.41 16.24
C LEU B 124 -14.14 28.55 17.27
N ASP B 125 -14.64 27.39 16.84
CA ASP B 125 -15.13 26.38 17.78
C ASP B 125 -14.09 26.19 18.89
N LEU B 126 -12.88 25.82 18.48
CA LEU B 126 -11.78 25.50 19.39
C LEU B 126 -11.44 26.65 20.30
N SER B 127 -11.58 27.87 19.77
CA SER B 127 -11.44 29.05 20.61
C SER B 127 -12.44 28.94 21.75
N VAL B 128 -13.72 28.81 21.42
CA VAL B 128 -14.75 28.66 22.44
C VAL B 128 -14.44 27.50 23.38
N ARG B 129 -14.34 26.30 22.85
CA ARG B 129 -14.10 25.12 23.68
C ARG B 129 -13.02 25.34 24.72
N GLN B 130 -11.94 26.00 24.31
CA GLN B 130 -10.77 26.18 25.15
C GLN B 130 -11.02 27.12 26.27
N ILE B 131 -11.92 28.05 26.03
CA ILE B 131 -12.25 29.10 26.98
C ILE B 131 -13.44 28.72 27.85
N GLU B 132 -14.43 28.09 27.23
CA GLU B 132 -15.51 27.40 27.91
C GLU B 132 -14.93 26.66 29.10
N TYR B 133 -13.86 25.91 28.83
CA TYR B 133 -13.23 25.04 29.80
C TYR B 133 -12.39 25.81 30.81
N LEU B 134 -11.97 27.01 30.44
CA LEU B 134 -11.22 27.88 31.34
C LEU B 134 -12.18 28.44 32.39
N ASN B 135 -13.32 28.93 31.90
CA ASN B 135 -14.37 29.45 32.75
C ASN B 135 -14.89 28.42 33.74
N ARG B 136 -14.99 27.16 33.31
CA ARG B 136 -15.55 26.09 34.13
C ARG B 136 -14.57 25.60 35.17
N GLN B 137 -13.30 25.55 34.81
CA GLN B 137 -12.31 24.96 35.69
C GLN B 137 -12.10 25.77 36.96
N TYR B 138 -12.38 27.07 36.88
CA TYR B 138 -12.22 28.01 38.00
C TYR B 138 -13.49 28.84 38.26
N ASP B 139 -14.63 28.31 37.86
CA ASP B 139 -15.91 29.04 37.83
C ASP B 139 -15.65 30.52 37.62
N SER B 140 -15.26 30.87 36.38
CA SER B 140 -15.00 32.26 36.05
C SER B 140 -15.82 32.70 34.84
N ASP B 141 -15.67 33.99 34.50
CA ASP B 141 -16.29 34.54 33.31
C ASP B 141 -15.28 35.42 32.61
N VAL B 142 -14.46 34.80 31.75
CA VAL B 142 -13.56 35.50 30.86
C VAL B 142 -14.24 35.56 29.50
N PRO B 143 -14.22 36.73 28.84
CA PRO B 143 -14.90 36.88 27.56
C PRO B 143 -13.98 36.66 26.35
N LEU B 144 -14.53 36.08 25.28
CA LEU B 144 -13.80 35.97 24.00
C LEU B 144 -14.15 37.15 23.12
N LEU B 145 -13.12 37.80 22.61
CA LEU B 145 -13.25 39.00 21.80
C LEU B 145 -12.72 38.75 20.41
N LEU B 146 -13.58 38.93 19.42
CA LEU B 146 -13.21 38.62 18.06
C LEU B 146 -13.06 39.87 17.20
N MET B 147 -11.85 40.42 17.12
CA MET B 147 -11.66 41.61 16.28
C MET B 147 -11.80 41.25 14.82
N ASN B 148 -12.91 41.66 14.22
CA ASN B 148 -13.17 41.37 12.80
C ASN B 148 -12.75 42.53 11.89
N SER B 149 -12.85 42.30 10.58
CA SER B 149 -12.69 43.35 9.59
C SER B 149 -13.89 43.37 8.64
N PHE B 150 -13.98 44.40 7.80
CA PHE B 150 -15.13 44.55 6.90
C PHE B 150 -15.37 43.35 5.97
N ASN B 151 -14.31 42.57 5.74
CA ASN B 151 -14.39 41.33 4.96
C ASN B 151 -15.00 40.14 5.72
N THR B 152 -15.00 40.24 7.05
CA THR B 152 -15.39 39.13 7.93
C THR B 152 -16.56 39.48 8.87
N ASP B 153 -16.59 40.73 9.33
CA ASP B 153 -17.57 41.23 10.30
C ASP B 153 -18.98 40.74 10.01
N LYS B 154 -19.43 40.93 8.77
CA LYS B 154 -20.72 40.44 8.27
C LYS B 154 -21.02 38.98 8.66
N ASP B 155 -20.04 38.10 8.45
CA ASP B 155 -20.20 36.66 8.68
C ASP B 155 -20.05 36.26 10.15
N THR B 156 -19.17 36.94 10.87
CA THR B 156 -18.81 36.54 12.23
C THR B 156 -19.95 36.74 13.24
N GLU B 157 -20.65 37.88 13.12
CA GLU B 157 -21.81 38.19 13.98
C GLU B 157 -22.93 37.16 13.80
N HIS B 158 -23.10 36.68 12.57
CA HIS B 158 -24.02 35.59 12.28
C HIS B 158 -23.49 34.30 12.85
N LEU B 159 -22.23 33.98 12.55
CA LEU B 159 -21.61 32.72 12.99
C LEU B 159 -21.50 32.60 14.52
N ILE B 160 -21.39 33.73 15.21
CA ILE B 160 -21.28 33.74 16.67
C ILE B 160 -22.61 33.37 17.34
N LYS B 161 -23.71 33.64 16.64
CA LYS B 161 -25.06 33.38 17.16
C LYS B 161 -25.31 31.93 17.57
N LYS B 162 -24.51 31.01 17.01
CA LYS B 162 -24.64 29.57 17.30
C LYS B 162 -24.41 29.22 18.77
N TYR B 163 -23.48 29.93 19.42
CA TYR B 163 -23.09 29.62 20.79
C TYR B 163 -24.04 30.20 21.84
N SER B 164 -25.25 30.58 21.40
CA SER B 164 -26.33 30.96 22.32
C SER B 164 -26.54 29.84 23.31
N ALA B 165 -26.39 30.16 24.59
CA ALA B 165 -26.32 29.17 25.67
C ALA B 165 -25.06 28.29 25.59
N ASN B 166 -23.90 28.96 25.67
CA ASN B 166 -22.64 28.31 26.00
C ASN B 166 -22.08 28.87 27.31
N ARG B 167 -20.87 28.47 27.68
CA ARG B 167 -20.22 28.98 28.90
C ARG B 167 -19.18 30.06 28.58
N ILE B 168 -19.53 30.93 27.63
CA ILE B 168 -18.66 32.01 27.18
C ILE B 168 -19.48 33.20 26.68
N ARG B 169 -18.93 34.40 26.84
CA ARG B 169 -19.57 35.60 26.31
C ARG B 169 -18.80 36.16 25.11
N ILE B 170 -19.01 35.55 23.94
CA ILE B 170 -18.38 35.98 22.69
C ILE B 170 -18.89 37.35 22.23
N ARG B 171 -17.97 38.30 22.08
CA ARG B 171 -18.32 39.66 21.68
C ARG B 171 -17.42 40.11 20.55
N SER B 172 -18.01 40.40 19.40
CA SER B 172 -17.21 40.75 18.23
C SER B 172 -17.31 42.23 17.92
N PHE B 173 -16.26 42.76 17.31
CA PHE B 173 -16.22 44.15 16.89
C PHE B 173 -15.39 44.35 15.64
N ASN B 174 -15.77 45.33 14.82
CA ASN B 174 -15.03 45.59 13.59
C ASN B 174 -13.83 46.49 13.82
N GLN B 175 -12.78 46.30 13.01
CA GLN B 175 -11.65 47.21 12.97
C GLN B 175 -11.94 48.35 11.97
N SER B 176 -10.90 49.04 11.54
CA SER B 176 -11.09 50.18 10.64
C SER B 176 -11.16 49.77 9.17
N ARG B 177 -11.87 50.58 8.39
CA ARG B 177 -11.83 50.52 6.93
C ARG B 177 -10.96 51.68 6.44
N PHE B 178 -9.95 51.36 5.64
CA PHE B 178 -9.04 52.35 5.08
C PHE B 178 -9.04 52.28 3.55
N PRO B 179 -8.76 53.40 2.86
CA PRO B 179 -8.80 53.40 1.41
C PRO B 179 -7.48 53.05 0.74
N ARG B 180 -7.51 52.02 -0.09
CA ARG B 180 -6.36 51.63 -0.92
C ARG B 180 -6.07 52.71 -1.96
N VAL B 181 -4.84 52.73 -2.46
CA VAL B 181 -4.34 53.82 -3.32
C VAL B 181 -3.76 53.24 -4.61
N TYR B 182 -3.34 54.11 -5.54
CA TYR B 182 -2.68 53.69 -6.78
C TYR B 182 -1.16 53.89 -6.72
N LYS B 183 -0.41 52.89 -7.18
CA LYS B 183 1.06 52.93 -7.18
C LYS B 183 1.60 54.11 -7.98
N ASP B 184 1.04 54.32 -9.18
CA ASP B 184 1.45 55.41 -10.06
C ASP B 184 0.95 56.79 -9.60
N SER B 185 -0.35 57.03 -9.70
CA SER B 185 -0.94 58.34 -9.39
C SER B 185 -0.95 58.70 -7.90
N LEU B 186 -0.72 57.70 -7.04
CA LEU B 186 -0.73 57.84 -5.57
C LEU B 186 -1.91 58.68 -5.03
N LEU B 187 -3.11 58.40 -5.56
CA LEU B 187 -4.34 59.06 -5.13
C LEU B 187 -5.35 58.04 -4.60
N PRO B 188 -5.99 58.34 -3.44
CA PRO B 188 -7.09 57.55 -2.86
C PRO B 188 -8.06 56.97 -3.90
N VAL B 189 -7.88 55.69 -4.21
CA VAL B 189 -8.54 54.98 -5.32
C VAL B 189 -10.07 55.10 -5.48
N PRO B 190 -10.84 54.96 -4.39
CA PRO B 190 -12.31 54.97 -4.53
C PRO B 190 -12.91 56.36 -4.79
N THR B 191 -14.11 56.60 -4.29
CA THR B 191 -14.80 57.89 -4.43
C THR B 191 -15.87 58.03 -3.34
N GLU B 192 -16.75 57.04 -3.25
CA GLU B 192 -17.91 57.07 -2.35
C GLU B 192 -17.72 56.17 -1.13
N TYR B 193 -18.57 56.37 -0.11
CA TYR B 193 -18.57 55.58 1.14
C TYR B 193 -18.46 54.08 0.87
N ASP B 194 -19.09 53.65 -0.22
CA ASP B 194 -18.82 52.36 -0.80
C ASP B 194 -19.04 52.38 -2.30
N SER B 195 -17.95 52.65 -3.02
CA SER B 195 -17.75 52.13 -4.35
C SER B 195 -17.17 50.73 -4.09
N PRO B 196 -16.89 49.93 -5.14
CA PRO B 196 -16.43 48.54 -4.97
C PRO B 196 -15.78 48.19 -3.61
N LEU B 197 -16.19 47.06 -3.04
CA LEU B 197 -15.64 46.56 -1.77
C LEU B 197 -14.17 46.19 -1.92
N ASP B 198 -13.82 45.63 -3.09
CA ASP B 198 -12.44 45.31 -3.44
C ASP B 198 -11.63 46.59 -3.71
N ALA B 199 -11.95 47.64 -2.96
CA ALA B 199 -11.24 48.92 -3.05
C ALA B 199 -10.76 49.38 -1.69
N TRP B 200 -11.26 48.76 -0.63
CA TRP B 200 -10.80 49.04 0.73
C TRP B 200 -9.62 48.14 1.13
N TYR B 201 -9.33 48.14 2.43
CA TYR B 201 -8.39 47.23 3.07
C TYR B 201 -8.39 47.47 4.59
N PRO B 202 -8.29 46.41 5.40
CA PRO B 202 -8.10 46.62 6.83
C PRO B 202 -6.64 46.96 7.14
N PRO B 203 -6.42 47.97 8.00
CA PRO B 203 -5.11 48.61 8.16
C PRO B 203 -4.09 47.78 8.96
N GLY B 204 -4.24 46.46 8.93
CA GLY B 204 -3.38 45.57 9.70
C GLY B 204 -3.88 45.34 11.12
N HIS B 205 -3.19 44.46 11.84
CA HIS B 205 -3.56 44.18 13.22
C HIS B 205 -2.84 45.12 14.18
N GLY B 206 -2.16 46.11 13.62
CA GLY B 206 -1.65 47.25 14.37
C GLY B 206 -2.78 48.26 14.58
N ASP B 207 -3.71 48.29 13.62
CA ASP B 207 -4.93 49.09 13.73
C ASP B 207 -5.83 48.60 14.86
N LEU B 208 -5.39 47.56 15.57
CA LEU B 208 -6.12 47.01 16.71
C LEU B 208 -6.53 48.11 17.68
N PHE B 209 -5.54 48.83 18.22
CA PHE B 209 -5.76 49.79 19.28
C PHE B 209 -6.84 50.83 18.96
N GLU B 210 -6.72 51.52 17.82
CA GLU B 210 -7.65 52.61 17.45
C GLU B 210 -9.10 52.13 17.47
N SER B 211 -9.42 51.17 16.61
CA SER B 211 -10.77 50.58 16.50
C SER B 211 -11.21 49.76 17.73
N LEU B 212 -10.24 49.38 18.57
CA LEU B 212 -10.56 48.76 19.86
C LEU B 212 -11.19 49.80 20.78
N HIS B 213 -10.70 51.04 20.70
CA HIS B 213 -11.25 52.15 21.48
C HIS B 213 -12.30 52.97 20.72
N VAL B 214 -12.28 52.89 19.39
CA VAL B 214 -13.29 53.54 18.56
C VAL B 214 -14.60 52.75 18.63
N SER B 215 -14.49 51.43 18.79
CA SER B 215 -15.65 50.58 19.06
C SER B 215 -16.10 50.83 20.50
N GLY B 216 -15.14 51.19 21.34
CA GLY B 216 -15.40 51.42 22.75
C GLY B 216 -15.31 50.14 23.55
N GLU B 217 -14.62 49.14 23.00
CA GLU B 217 -14.33 47.93 23.74
C GLU B 217 -13.23 48.18 24.77
N LEU B 218 -12.36 49.16 24.50
CA LEU B 218 -11.33 49.60 25.46
C LEU B 218 -11.97 50.01 26.78
N ASP B 219 -12.81 51.05 26.74
CA ASP B 219 -13.64 51.47 27.87
C ASP B 219 -14.39 50.29 28.48
N ALA B 220 -15.35 49.76 27.73
CA ALA B 220 -16.25 48.71 28.21
C ALA B 220 -15.53 47.59 28.95
N LEU B 221 -14.33 47.24 28.48
CA LEU B 221 -13.51 46.19 29.11
C LEU B 221 -12.88 46.67 30.41
N ILE B 222 -12.33 47.90 30.41
CA ILE B 222 -11.84 48.53 31.64
C ILE B 222 -12.98 48.66 32.63
N ALA B 223 -14.13 49.14 32.13
CA ALA B 223 -15.35 49.34 32.90
C ALA B 223 -15.94 48.02 33.40
N GLN B 224 -15.91 46.98 32.55
CA GLN B 224 -16.32 45.61 32.93
C GLN B 224 -15.35 45.04 33.98
N GLY B 225 -14.29 45.80 34.28
CA GLY B 225 -13.38 45.48 35.38
C GLY B 225 -12.14 44.71 34.96
N ARG B 226 -11.78 44.82 33.68
CA ARG B 226 -10.74 44.00 33.10
C ARG B 226 -9.53 44.86 32.71
N GLU B 227 -8.33 44.32 32.95
CA GLU B 227 -7.10 45.11 32.82
C GLU B 227 -6.05 44.59 31.80
N ILE B 228 -6.22 43.37 31.28
CA ILE B 228 -5.28 42.86 30.25
C ILE B 228 -5.91 42.00 29.17
N LEU B 229 -5.60 42.32 27.92
CA LEU B 229 -5.90 41.44 26.79
C LEU B 229 -4.78 40.46 26.54
N PHE B 230 -5.15 39.20 26.34
CA PHE B 230 -4.24 38.20 25.80
C PHE B 230 -4.56 38.07 24.32
N VAL B 231 -3.66 38.56 23.47
CA VAL B 231 -3.92 38.63 22.04
C VAL B 231 -3.22 37.49 21.29
N SER B 232 -3.99 36.80 20.46
CA SER B 232 -3.44 35.77 19.59
C SER B 232 -4.14 35.78 18.23
N ASN B 233 -3.42 35.27 17.23
CA ASN B 233 -3.92 35.10 15.87
C ASN B 233 -5.16 34.20 15.78
N GLY B 234 -5.91 34.32 14.69
CA GLY B 234 -7.06 33.45 14.48
C GLY B 234 -6.61 32.01 14.26
N ASP B 235 -5.52 31.88 13.51
CA ASP B 235 -5.00 30.59 13.05
C ASP B 235 -3.94 29.96 13.94
N ASN B 236 -3.81 30.43 15.16
CA ASN B 236 -2.89 29.81 16.11
C ASN B 236 -3.67 28.93 17.11
N LEU B 237 -3.48 27.62 16.99
CA LEU B 237 -4.22 26.66 17.82
C LEU B 237 -3.50 26.43 19.15
N GLY B 238 -2.22 26.77 19.20
CA GLY B 238 -1.40 26.57 20.40
C GLY B 238 -1.61 27.59 21.49
N ALA B 239 -2.11 28.78 21.13
CA ALA B 239 -2.20 29.90 22.04
C ALA B 239 -3.30 29.79 23.10
N THR B 240 -3.14 28.87 24.04
CA THR B 240 -4.03 28.77 25.19
C THR B 240 -3.69 29.87 26.21
N VAL B 241 -4.48 29.96 27.27
CA VAL B 241 -4.21 30.93 28.33
C VAL B 241 -3.22 30.33 29.31
N ASP B 242 -2.04 30.95 29.40
CA ASP B 242 -1.00 30.51 30.34
C ASP B 242 -1.04 31.33 31.63
N LEU B 243 -1.62 30.73 32.68
CA LEU B 243 -1.78 31.41 33.98
C LEU B 243 -0.46 31.94 34.56
N LYS B 244 0.56 31.09 34.55
CA LYS B 244 1.89 31.46 35.01
C LYS B 244 2.42 32.71 34.31
N ILE B 245 1.96 32.98 33.09
CA ILE B 245 2.33 34.22 32.39
C ILE B 245 1.49 35.40 32.91
N LEU B 246 0.17 35.23 32.94
CA LEU B 246 -0.75 36.23 33.50
C LEU B 246 -0.32 36.67 34.89
N ASN B 247 0.31 35.77 35.63
CA ASN B 247 0.85 36.10 36.93
C ASN B 247 2.17 36.90 36.82
N HIS B 248 3.14 36.34 36.10
CA HIS B 248 4.42 37.00 35.84
C HIS B 248 4.24 38.44 35.36
N MET B 249 3.33 38.61 34.41
CA MET B 249 2.99 39.93 33.88
C MET B 249 2.40 40.86 34.96
N ILE B 250 1.69 40.29 35.93
CA ILE B 250 0.96 41.08 36.93
C ILE B 250 1.80 41.41 38.20
N GLU B 251 2.75 40.53 38.52
CA GLU B 251 3.72 40.72 39.61
C GLU B 251 4.85 41.67 39.20
N THR B 252 5.47 41.42 38.05
CA THR B 252 6.46 42.36 37.48
C THR B 252 5.75 43.58 36.87
N GLY B 253 4.44 43.65 37.10
CA GLY B 253 3.60 44.78 36.69
C GLY B 253 3.90 45.32 35.32
N ALA B 254 4.20 44.42 34.37
CA ALA B 254 4.48 44.80 32.99
C ALA B 254 3.22 45.28 32.26
N GLU B 255 3.41 46.16 31.29
CA GLU B 255 2.29 46.68 30.50
C GLU B 255 2.16 46.05 29.10
N TYR B 256 3.13 45.19 28.75
CA TYR B 256 3.16 44.50 27.47
C TYR B 256 4.09 43.31 27.57
N ILE B 257 3.59 42.14 27.20
CA ILE B 257 4.42 40.95 27.11
C ILE B 257 4.26 40.28 25.75
N MET B 258 5.38 40.11 25.05
CA MET B 258 5.37 39.37 23.80
C MET B 258 5.95 37.99 24.02
N GLU B 259 5.28 36.99 23.47
CA GLU B 259 5.75 35.60 23.54
C GLU B 259 6.65 35.22 22.35
N LEU B 260 7.81 34.69 22.66
CA LEU B 260 8.78 34.32 21.63
C LEU B 260 9.06 32.84 21.67
N THR B 261 9.22 32.23 20.51
CA THR B 261 9.60 30.83 20.46
C THR B 261 10.84 30.65 19.57
N ASP B 262 11.57 29.56 19.79
CA ASP B 262 12.84 29.32 19.09
C ASP B 262 12.67 29.16 17.60
N LYS B 263 13.41 29.97 16.84
CA LYS B 263 13.33 29.98 15.39
C LYS B 263 13.96 28.70 14.82
N THR B 264 13.16 27.91 14.09
CA THR B 264 13.70 26.77 13.34
C THR B 264 14.19 27.22 11.96
N ARG B 265 15.02 26.39 11.32
CA ARG B 265 15.61 26.66 9.99
C ARG B 265 14.63 27.31 9.01
N ALA B 266 13.36 26.97 9.16
CA ALA B 266 12.30 27.50 8.32
C ALA B 266 11.41 28.50 9.09
N ASP B 267 12.05 29.51 9.69
CA ASP B 267 11.34 30.57 10.40
C ASP B 267 12.01 31.94 10.20
N VAL B 268 13.24 31.90 9.67
CA VAL B 268 14.08 33.08 9.42
C VAL B 268 13.38 34.42 9.20
N LYS B 269 12.56 34.51 8.16
CA LYS B 269 11.92 35.76 7.74
C LYS B 269 11.15 36.48 8.86
N GLY B 270 10.59 35.71 9.79
CA GLY B 270 9.92 36.25 10.98
C GLY B 270 10.77 37.22 11.79
N GLY B 271 10.10 38.14 12.46
CA GLY B 271 10.76 39.19 13.24
C GLY B 271 10.96 38.84 14.71
N THR B 272 11.88 39.56 15.36
CA THR B 272 12.24 39.31 16.76
C THR B 272 12.35 40.62 17.57
N LEU B 273 12.51 40.48 18.88
CA LEU B 273 12.71 41.62 19.77
C LEU B 273 14.21 41.83 19.98
N ILE B 274 14.63 43.10 19.95
CA ILE B 274 16.02 43.49 20.20
C ILE B 274 16.08 44.58 21.28
N SER B 275 17.31 44.99 21.62
CA SER B 275 17.55 46.14 22.51
C SER B 275 18.19 47.31 21.75
N TYR B 276 17.42 48.38 21.58
CA TYR B 276 17.80 49.48 20.68
C TYR B 276 17.60 50.84 21.34
N ASP B 277 18.72 51.52 21.64
CA ASP B 277 18.75 52.79 22.39
C ASP B 277 18.11 52.65 23.80
N GLY B 278 18.31 51.47 24.40
CA GLY B 278 17.84 51.17 25.76
C GLY B 278 16.36 50.83 25.86
N GLN B 279 15.74 50.56 24.72
CA GLN B 279 14.36 50.10 24.66
C GLN B 279 14.31 48.76 23.95
N VAL B 280 13.33 47.93 24.29
CA VAL B 280 13.08 46.69 23.55
C VAL B 280 12.04 46.97 22.46
N ARG B 281 12.39 46.69 21.22
CA ARG B 281 11.50 46.91 20.07
C ARG B 281 11.56 45.74 19.08
N LEU B 282 10.59 45.68 18.18
CA LEU B 282 10.46 44.56 17.24
C LEU B 282 11.09 44.81 15.84
N LEU B 283 12.20 44.12 15.55
CA LEU B 283 12.89 44.27 14.25
C LEU B 283 12.37 43.27 13.23
N GLU B 284 11.77 43.79 12.16
CA GLU B 284 11.38 43.00 11.00
C GLU B 284 12.42 43.14 9.90
N VAL B 285 12.41 42.22 8.93
CA VAL B 285 13.34 42.29 7.80
C VAL B 285 13.31 43.62 7.04
N ALA B 286 12.10 44.13 6.77
CA ALA B 286 11.94 45.41 6.07
C ALA B 286 12.73 46.56 6.71
N GLN B 287 12.98 46.45 8.01
CA GLN B 287 13.71 47.48 8.74
C GLN B 287 15.17 47.11 9.01
N VAL B 288 15.68 46.08 8.33
CA VAL B 288 17.10 45.76 8.32
C VAL B 288 17.70 46.24 6.98
N PRO B 289 18.85 46.96 7.03
CA PRO B 289 19.40 47.46 5.77
C PRO B 289 19.95 46.31 4.93
N LYS B 290 19.87 46.46 3.61
CA LYS B 290 20.16 45.39 2.64
C LYS B 290 21.57 44.79 2.79
N GLU B 291 22.50 45.56 3.34
CA GLU B 291 23.88 45.10 3.54
C GLU B 291 23.97 44.10 4.69
N HIS B 292 22.86 43.90 5.40
CA HIS B 292 22.90 43.20 6.66
C HIS B 292 21.79 42.18 6.87
N ILE B 293 20.80 42.16 5.98
CA ILE B 293 19.67 41.22 6.08
C ILE B 293 20.14 39.80 6.43
N ASP B 294 21.11 39.27 5.70
CA ASP B 294 21.60 37.88 5.91
C ASP B 294 22.00 37.56 7.35
N GLU B 295 22.67 38.50 8.02
CA GLU B 295 23.01 38.38 9.45
C GLU B 295 21.76 38.19 10.33
N PHE B 296 20.73 39.01 10.06
CA PHE B 296 19.46 38.90 10.77
C PHE B 296 18.85 37.51 10.63
N LYS B 297 18.76 37.01 9.39
CA LYS B 297 18.15 35.73 9.07
C LYS B 297 18.92 34.54 9.68
N ASN B 298 20.13 34.82 10.15
CA ASN B 298 20.99 33.82 10.76
C ASN B 298 20.47 33.34 12.13
N ILE B 299 19.82 32.18 12.17
CA ILE B 299 19.19 31.63 13.39
C ILE B 299 20.13 31.49 14.60
N ARG B 300 21.42 31.57 14.34
CA ARG B 300 22.46 31.33 15.32
C ARG B 300 22.79 32.62 16.07
N LYS B 301 22.24 33.72 15.56
CA LYS B 301 22.47 35.05 16.08
C LYS B 301 21.15 35.65 16.57
N PHE B 302 20.06 34.95 16.29
CA PHE B 302 18.72 35.42 16.60
C PHE B 302 17.85 34.25 17.01
N THR B 303 18.12 33.74 18.21
CA THR B 303 17.53 32.50 18.70
C THR B 303 16.00 32.47 18.71
N ASN B 304 15.33 33.63 18.64
CA ASN B 304 13.86 33.69 18.79
C ASN B 304 13.09 34.31 17.64
N PHE B 305 11.76 34.32 17.76
CA PHE B 305 10.91 35.17 16.94
C PHE B 305 9.52 35.31 17.55
N ASN B 306 8.81 36.35 17.11
CA ASN B 306 7.52 36.76 17.65
C ASN B 306 6.42 35.77 17.28
N THR B 307 5.71 35.25 18.29
CA THR B 307 4.63 34.29 18.00
C THR B 307 3.31 35.00 17.84
N ASN B 308 3.34 36.34 17.92
CA ASN B 308 2.15 37.20 18.01
C ASN B 308 1.16 36.84 19.14
N ASN B 309 1.61 36.03 20.09
CA ASN B 309 0.89 35.83 21.34
C ASN B 309 1.26 36.96 22.28
N LEU B 310 0.39 37.97 22.38
CA LEU B 310 0.72 39.18 23.10
C LEU B 310 -0.17 39.37 24.32
N TRP B 311 0.44 39.76 25.42
CA TRP B 311 -0.33 40.18 26.59
C TRP B 311 -0.21 41.70 26.75
N ILE B 312 -1.31 42.42 26.50
CA ILE B 312 -1.25 43.88 26.49
C ILE B 312 -2.10 44.51 27.57
N ASN B 313 -1.44 45.24 28.47
CA ASN B 313 -2.12 46.03 29.51
C ASN B 313 -3.13 47.05 28.95
N LEU B 314 -4.42 46.80 29.19
CA LEU B 314 -5.48 47.66 28.68
C LEU B 314 -5.36 49.11 29.16
N LYS B 315 -5.16 49.29 30.47
CA LYS B 315 -4.98 50.63 31.04
C LYS B 315 -3.94 51.45 30.26
N ALA B 316 -2.80 50.81 29.98
CA ALA B 316 -1.70 51.45 29.25
C ALA B 316 -2.09 51.86 27.82
N VAL B 317 -3.02 51.13 27.22
CA VAL B 317 -3.50 51.44 25.87
C VAL B 317 -4.21 52.79 25.89
N LYS B 318 -5.15 52.95 26.83
CA LYS B 318 -5.86 54.21 27.01
C LYS B 318 -4.87 55.37 27.10
N ARG B 319 -4.00 55.29 28.11
CA ARG B 319 -2.93 56.26 28.33
C ARG B 319 -2.25 56.72 27.05
N LEU B 320 -1.72 55.75 26.30
CA LEU B 320 -0.91 56.04 25.11
C LEU B 320 -1.74 56.39 23.87
N ILE B 321 -3.01 55.99 23.87
CA ILE B 321 -3.92 56.36 22.80
C ILE B 321 -4.41 57.81 22.96
N GLU B 322 -4.86 58.16 24.17
CA GLU B 322 -5.33 59.52 24.49
C GLU B 322 -4.20 60.54 24.46
N SER B 323 -2.97 60.07 24.68
CA SER B 323 -1.78 60.90 24.56
C SER B 323 -1.06 60.58 23.25
N SER B 324 -1.85 60.35 22.20
CA SER B 324 -1.42 59.73 20.94
C SER B 324 0.10 59.62 20.78
N ASN B 325 0.62 58.46 21.18
CA ASN B 325 2.03 58.14 21.10
C ASN B 325 2.25 56.78 20.46
N LEU B 326 1.22 55.93 20.53
CA LEU B 326 1.25 54.59 19.93
C LEU B 326 1.61 54.68 18.44
N GLU B 327 2.90 54.51 18.14
CA GLU B 327 3.43 54.77 16.80
C GLU B 327 4.26 53.62 16.29
N MET B 328 3.73 52.93 15.29
CA MET B 328 4.33 51.70 14.76
C MET B 328 4.82 51.87 13.32
N GLU B 329 5.72 50.99 12.90
CA GLU B 329 6.28 51.00 11.55
C GLU B 329 5.21 50.76 10.46
N ILE B 330 5.36 51.45 9.33
CA ILE B 330 4.44 51.30 8.22
C ILE B 330 4.88 50.17 7.28
N ILE B 331 4.02 49.18 7.11
CA ILE B 331 4.22 48.15 6.09
C ILE B 331 3.38 48.57 4.90
N PRO B 332 4.04 48.97 3.80
CA PRO B 332 3.36 49.40 2.59
C PRO B 332 3.12 48.25 1.60
N ASN B 333 2.38 47.23 2.03
CA ASN B 333 2.08 46.08 1.16
C ASN B 333 1.27 46.53 -0.06
N GLN B 334 1.60 45.94 -1.22
CA GLN B 334 1.00 46.32 -2.50
C GLN B 334 0.28 45.16 -3.18
N LYS B 335 -0.92 45.41 -3.67
CA LYS B 335 -1.71 44.40 -4.38
C LYS B 335 -2.55 45.01 -5.51
N THR B 336 -2.64 44.31 -6.64
CA THR B 336 -3.41 44.79 -7.78
C THR B 336 -4.84 44.25 -7.74
N ILE B 337 -5.80 45.17 -7.67
CA ILE B 337 -7.23 44.84 -7.66
C ILE B 337 -8.04 45.92 -8.34
N ASN B 345 -0.96 47.55 -10.29
CA ASN B 345 -0.44 47.71 -8.93
C ASN B 345 -1.24 48.72 -8.08
N VAL B 346 -1.27 48.48 -6.77
CA VAL B 346 -1.89 49.39 -5.80
C VAL B 346 -1.08 49.41 -4.49
N LEU B 347 -1.46 50.27 -3.54
CA LEU B 347 -0.71 50.40 -2.29
C LEU B 347 -1.60 50.36 -1.03
N GLN B 348 -1.23 49.48 -0.10
CA GLN B 348 -1.91 49.33 1.19
C GLN B 348 -0.98 49.67 2.34
N LEU B 349 -1.31 50.71 3.11
CA LEU B 349 -0.53 51.06 4.29
C LEU B 349 -1.13 50.41 5.54
N GLU B 350 -0.34 49.54 6.18
CA GLU B 350 -0.80 48.77 7.35
C GLU B 350 0.29 48.68 8.44
N THR B 351 -0.12 48.37 9.67
CA THR B 351 0.79 48.26 10.83
C THR B 351 0.60 46.95 11.62
N ALA B 352 1.55 46.63 12.50
CA ALA B 352 1.46 45.40 13.32
C ALA B 352 1.37 45.63 14.84
N CYS B 353 0.45 44.92 15.49
CA CYS B 353 0.18 45.03 16.93
C CYS B 353 1.43 44.92 17.78
N GLY B 354 2.34 44.05 17.35
CA GLY B 354 3.54 43.76 18.11
C GLY B 354 4.49 44.93 18.22
N ALA B 355 4.60 45.69 17.12
CA ALA B 355 5.56 46.80 17.00
C ALA B 355 5.45 47.86 18.11
N ALA B 356 4.23 48.09 18.58
CA ALA B 356 3.92 49.04 19.64
C ALA B 356 4.66 48.75 20.95
N ILE B 357 5.27 47.57 21.06
CA ILE B 357 5.87 47.11 22.32
C ILE B 357 6.77 48.15 23.03
N ARG B 358 7.65 48.81 22.29
CA ARG B 358 8.57 49.83 22.84
C ARG B 358 7.87 50.91 23.68
N HIS B 359 6.71 51.34 23.20
CA HIS B 359 5.93 52.40 23.81
C HIS B 359 5.18 51.97 25.08
N PHE B 360 5.69 50.98 25.81
CA PHE B 360 5.01 50.50 27.03
C PHE B 360 5.98 50.39 28.21
N ASP B 361 5.55 50.81 29.41
CA ASP B 361 6.41 50.76 30.59
C ASP B 361 6.61 49.32 31.08
N GLY B 362 7.87 48.94 31.28
CA GLY B 362 8.21 47.61 31.78
C GLY B 362 8.01 46.50 30.78
N ALA B 363 7.66 46.87 29.54
CA ALA B 363 7.44 45.94 28.42
C ALA B 363 8.66 45.09 28.15
N HIS B 364 8.47 43.78 28.07
CA HIS B 364 9.57 42.86 27.84
C HIS B 364 9.06 41.61 27.11
N GLY B 365 9.98 40.76 26.67
CA GLY B 365 9.65 39.52 25.98
C GLY B 365 9.81 38.28 26.84
N VAL B 366 9.11 37.23 26.46
CA VAL B 366 9.16 35.95 27.16
C VAL B 366 9.16 34.75 26.21
N VAL B 367 10.17 33.92 26.35
CA VAL B 367 10.26 32.73 25.53
C VAL B 367 9.20 31.74 26.02
N VAL B 368 8.72 30.89 25.12
CA VAL B 368 7.68 29.88 25.37
C VAL B 368 7.90 28.76 24.37
N PRO B 369 7.48 27.53 24.70
CA PRO B 369 7.76 26.47 23.73
C PRO B 369 6.67 26.40 22.66
N ARG B 370 7.04 25.81 21.50
CA ARG B 370 6.15 25.74 20.33
C ARG B 370 4.80 25.16 20.68
N SER B 371 4.75 24.41 21.79
CA SER B 371 3.50 24.00 22.39
C SER B 371 2.44 25.06 22.02
N ARG B 372 2.77 26.32 22.21
CA ARG B 372 1.80 27.38 22.00
C ARG B 372 2.02 28.23 20.73
N PHE B 373 2.90 27.77 19.85
CA PHE B 373 2.88 28.26 18.50
C PHE B 373 2.47 27.16 17.52
N LEU B 374 1.17 27.01 17.34
CA LEU B 374 0.64 26.01 16.42
C LEU B 374 -0.20 26.62 15.28
N PRO B 375 0.48 27.19 14.28
CA PRO B 375 -0.20 27.90 13.21
C PRO B 375 -0.69 27.02 12.05
N VAL B 376 -1.85 27.38 11.51
CA VAL B 376 -2.38 26.68 10.36
C VAL B 376 -2.46 27.66 9.19
N LYS B 377 -1.35 27.84 8.48
CA LYS B 377 -1.30 28.83 7.39
C LYS B 377 -1.86 28.26 6.10
N THR B 378 -1.78 26.94 6.03
CA THR B 378 -1.57 26.20 4.80
C THR B 378 -2.12 24.81 4.98
N CYS B 379 -2.75 24.24 3.96
CA CYS B 379 -3.20 22.84 4.08
C CYS B 379 -2.11 21.85 4.50
N SER B 380 -0.87 22.10 4.13
CA SER B 380 0.21 21.29 4.67
C SER B 380 0.17 21.28 6.21
N ASP B 381 -0.03 22.44 6.84
CA ASP B 381 -0.32 22.54 8.27
C ASP B 381 -1.60 21.83 8.70
N LEU B 382 -2.56 21.74 7.80
CA LEU B 382 -3.83 21.11 8.14
C LEU B 382 -3.70 19.63 8.34
N LEU B 383 -2.67 19.04 7.75
CA LEU B 383 -2.51 17.59 7.76
C LEU B 383 -1.88 17.27 9.07
N LEU B 384 -0.86 18.06 9.42
CA LEU B 384 -0.18 17.89 10.70
C LEU B 384 -1.20 17.85 11.86
N VAL B 385 -1.96 18.93 12.04
CA VAL B 385 -2.92 18.99 13.14
C VAL B 385 -4.10 18.01 13.01
N LYS B 386 -4.22 17.32 11.88
CA LYS B 386 -5.34 16.40 11.73
C LYS B 386 -4.93 14.98 12.05
N SER B 387 -3.63 14.78 12.18
CA SER B 387 -3.09 13.45 12.30
C SER B 387 -3.14 12.92 13.71
N ASP B 388 -2.73 11.66 13.84
CA ASP B 388 -2.65 10.95 15.10
C ASP B 388 -1.58 11.57 15.97
N LEU B 389 -0.85 12.52 15.41
CA LEU B 389 0.17 13.21 16.16
C LEU B 389 -0.43 14.06 17.28
N PHE B 390 -1.74 14.29 17.20
CA PHE B 390 -2.43 15.09 18.19
C PHE B 390 -3.69 14.41 18.71
N ARG B 391 -3.98 14.67 19.98
CA ARG B 391 -5.27 14.33 20.56
C ARG B 391 -5.96 15.63 20.91
N LEU B 392 -7.27 15.67 20.75
CA LEU B 392 -8.03 16.88 21.03
C LEU B 392 -8.66 16.82 22.43
N GLU B 393 -8.15 17.62 23.36
CA GLU B 393 -8.73 17.67 24.71
C GLU B 393 -9.06 19.10 25.13
N HIS B 394 -10.34 19.37 25.36
CA HIS B 394 -10.81 20.68 25.82
C HIS B 394 -10.45 21.82 24.88
N GLY B 395 -10.55 21.54 23.58
CA GLY B 395 -10.26 22.53 22.56
C GLY B 395 -8.78 22.69 22.30
N SER B 396 -7.98 21.78 22.85
CA SER B 396 -6.53 21.86 22.73
C SER B 396 -5.90 20.64 22.07
N LEU B 397 -4.94 20.90 21.19
CA LEU B 397 -4.23 19.85 20.52
C LEU B 397 -3.06 19.48 21.39
N LYS B 398 -3.19 18.40 22.14
CA LYS B 398 -2.12 17.93 22.98
C LYS B 398 -1.31 16.92 22.17
N LEU B 399 0.01 17.13 22.12
CA LEU B 399 0.89 16.23 21.41
C LEU B 399 0.99 14.89 22.12
N ASP B 400 1.05 13.82 21.34
CA ASP B 400 1.31 12.47 21.83
C ASP B 400 2.48 12.39 22.82
N PRO B 401 2.40 11.48 23.80
CA PRO B 401 3.52 11.18 24.72
C PRO B 401 4.71 10.54 24.01
N SER B 402 4.41 9.70 23.01
CA SER B 402 5.42 9.05 22.16
C SER B 402 6.38 10.05 21.54
N ARG B 403 5.86 11.22 21.17
CA ARG B 403 6.53 12.13 20.23
C ARG B 403 7.55 13.05 20.93
N PHE B 404 8.82 12.71 20.79
CA PHE B 404 9.86 13.35 21.58
C PHE B 404 10.86 14.17 20.76
N GLY B 405 10.41 14.88 19.73
CA GLY B 405 11.35 15.62 18.88
C GLY B 405 10.85 16.99 18.45
N PRO B 406 11.30 17.46 17.27
CA PRO B 406 10.51 18.48 16.62
C PRO B 406 9.38 17.72 15.90
N ASN B 407 8.34 18.44 15.48
CA ASN B 407 7.27 17.85 14.69
C ASN B 407 7.76 17.58 13.27
N PRO B 408 7.09 16.68 12.52
CA PRO B 408 7.62 16.39 11.17
C PRO B 408 7.45 17.56 10.19
N LEU B 409 8.40 17.68 9.26
CA LEU B 409 8.33 18.72 8.23
C LEU B 409 7.49 18.22 7.06
N ILE B 410 6.30 18.76 6.96
CA ILE B 410 5.38 18.39 5.89
C ILE B 410 5.38 19.50 4.87
N LYS B 411 5.78 19.13 3.62
CA LYS B 411 5.71 20.08 2.53
C LYS B 411 4.92 19.41 1.39
N LEU B 412 3.45 19.56 1.42
CA LEU B 412 2.54 19.12 0.39
C LEU B 412 2.68 20.15 -0.73
N GLY B 413 2.81 19.74 -2.02
CA GLY B 413 2.86 20.72 -3.07
C GLY B 413 1.52 21.41 -3.27
N SER B 414 1.42 22.10 -4.39
CA SER B 414 0.25 22.99 -4.63
C SER B 414 -1.16 22.33 -5.02
N HIS B 415 -1.21 21.06 -5.57
CA HIS B 415 -2.55 20.46 -5.84
C HIS B 415 -3.25 20.37 -4.46
N PHE B 416 -2.55 20.82 -3.40
CA PHE B 416 -3.04 20.76 -2.02
C PHE B 416 -3.30 22.19 -1.44
N LYS B 417 -3.31 23.22 -2.28
CA LYS B 417 -3.40 24.59 -1.75
C LYS B 417 -4.78 24.94 -1.21
N LYS B 418 -5.80 24.84 -2.06
CA LYS B 418 -7.19 25.04 -1.68
C LYS B 418 -7.67 23.85 -0.83
N VAL B 419 -8.68 24.05 0.02
CA VAL B 419 -9.18 22.99 0.90
C VAL B 419 -10.04 21.90 0.21
N SER B 420 -10.72 22.25 -0.88
CA SER B 420 -11.45 21.22 -1.59
C SER B 420 -10.45 20.25 -2.23
N GLY B 421 -9.35 20.80 -2.73
CA GLY B 421 -8.26 20.05 -3.31
C GLY B 421 -7.65 19.08 -2.31
N PHE B 422 -7.49 19.53 -1.07
CA PHE B 422 -6.79 18.74 -0.07
C PHE B 422 -7.62 17.55 0.41
N ASN B 423 -8.93 17.75 0.54
CA ASN B 423 -9.81 16.68 0.99
C ASN B 423 -10.00 15.67 -0.13
N ALA B 424 -10.05 16.17 -1.36
CA ALA B 424 -10.14 15.32 -2.53
C ALA B 424 -9.06 14.28 -2.45
N ARG B 425 -7.92 14.73 -1.97
CA ARG B 425 -6.68 14.01 -2.09
C ARG B 425 -6.28 13.28 -0.84
N ILE B 426 -6.53 13.91 0.32
CA ILE B 426 -6.29 13.22 1.59
C ILE B 426 -7.61 13.14 2.38
N PRO B 427 -8.54 12.31 1.89
CA PRO B 427 -9.73 12.15 2.71
C PRO B 427 -9.47 11.31 3.97
N HIS B 428 -8.42 10.48 3.97
CA HIS B 428 -8.12 9.67 5.15
C HIS B 428 -6.72 9.91 5.71
N ILE B 429 -6.63 10.75 6.74
CA ILE B 429 -5.34 11.23 7.26
C ILE B 429 -4.41 10.07 7.62
N PRO B 430 -3.22 10.03 7.02
CA PRO B 430 -2.26 8.93 7.20
C PRO B 430 -1.70 8.89 8.60
N LYS B 431 -1.24 7.72 9.01
CA LYS B 431 -0.59 7.59 10.32
C LYS B 431 0.83 8.13 10.17
N ILE B 432 1.06 9.32 10.71
CA ILE B 432 2.32 10.01 10.47
C ILE B 432 3.23 10.07 11.69
N VAL B 433 2.96 9.22 12.69
CA VAL B 433 3.61 9.34 14.02
C VAL B 433 5.15 9.08 14.08
N GLU B 434 5.67 8.38 13.08
CA GLU B 434 7.09 8.10 13.02
C GLU B 434 7.72 8.71 11.76
N LEU B 435 7.20 9.84 11.33
CA LEU B 435 7.65 10.44 10.10
C LEU B 435 8.45 11.69 10.44
N ASP B 436 9.55 11.92 9.70
CA ASP B 436 10.36 13.13 9.83
C ASP B 436 10.00 14.18 8.79
N HIS B 437 10.16 13.80 7.54
CA HIS B 437 10.12 14.72 6.43
C HIS B 437 9.22 14.06 5.41
N LEU B 438 8.11 14.71 5.12
CA LEU B 438 7.25 14.32 4.00
C LEU B 438 7.19 15.47 3.03
N THR B 439 7.28 15.16 1.76
CA THR B 439 7.20 16.17 0.72
C THR B 439 6.57 15.50 -0.48
N ILE B 440 5.44 16.03 -0.90
CA ILE B 440 4.71 15.46 -1.99
C ILE B 440 4.51 16.55 -3.06
N THR B 441 4.56 16.16 -4.31
CA THR B 441 4.62 17.11 -5.42
C THR B 441 3.77 16.63 -6.63
N GLY B 442 3.06 17.56 -7.26
CA GLY B 442 2.17 17.21 -8.33
C GLY B 442 0.86 16.56 -7.88
N ASN B 443 0.26 15.82 -8.80
CA ASN B 443 -1.08 15.29 -8.60
C ASN B 443 -1.16 13.94 -7.89
N VAL B 444 -1.30 13.94 -6.58
CA VAL B 444 -1.24 12.67 -5.85
C VAL B 444 -2.45 12.45 -4.94
N PHE B 445 -2.99 11.24 -4.98
CA PHE B 445 -4.14 10.87 -4.17
C PHE B 445 -3.69 9.78 -3.19
N LEU B 446 -3.84 10.04 -1.88
CA LEU B 446 -3.48 9.03 -0.86
C LEU B 446 -4.67 8.17 -0.49
N GLY B 447 -4.48 6.86 -0.47
CA GLY B 447 -5.56 5.97 -0.04
C GLY B 447 -6.00 6.01 1.43
N LYS B 448 -6.92 5.12 1.81
CA LYS B 448 -7.31 4.90 3.23
C LYS B 448 -6.18 4.18 3.93
N ASP B 449 -5.96 4.51 5.20
CA ASP B 449 -4.98 3.78 6.04
C ASP B 449 -3.57 3.70 5.48
N VAL B 450 -3.04 4.83 5.00
CA VAL B 450 -1.66 4.92 4.55
C VAL B 450 -0.76 5.30 5.73
N THR B 451 0.43 4.72 5.80
CA THR B 451 1.37 5.04 6.85
C THR B 451 2.67 5.58 6.29
N LEU B 452 3.07 6.75 6.80
CA LEU B 452 4.28 7.44 6.39
C LEU B 452 5.39 7.33 7.42
N ARG B 453 6.60 6.98 7.02
CA ARG B 453 7.69 6.86 8.00
C ARG B 453 9.06 7.33 7.53
N GLY B 454 9.80 7.98 8.42
CA GLY B 454 11.12 8.49 8.13
C GLY B 454 10.97 9.63 7.16
N THR B 455 11.56 9.46 5.98
CA THR B 455 11.43 10.45 4.91
C THR B 455 10.67 9.85 3.77
N VAL B 456 9.62 10.56 3.36
CA VAL B 456 8.82 10.11 2.26
C VAL B 456 8.81 11.27 1.29
N ILE B 457 9.36 11.06 0.10
CA ILE B 457 9.36 12.04 -1.00
C ILE B 457 8.56 11.41 -2.15
N ILE B 458 7.30 11.79 -2.29
CA ILE B 458 6.51 11.36 -3.43
C ILE B 458 6.45 12.54 -4.38
N VAL B 459 6.90 12.38 -5.61
CA VAL B 459 6.87 13.47 -6.60
C VAL B 459 6.43 12.98 -7.97
N CYS B 460 5.20 13.33 -8.29
CA CYS B 460 4.53 12.98 -9.53
C CYS B 460 4.66 14.20 -10.42
N SER B 461 5.18 13.98 -11.65
CA SER B 461 5.57 15.12 -12.49
C SER B 461 4.39 15.59 -13.33
N ASP B 462 4.58 16.71 -14.02
CA ASP B 462 3.48 17.34 -14.73
C ASP B 462 2.85 16.30 -15.65
N GLY B 463 1.55 16.41 -15.85
CA GLY B 463 0.88 15.53 -16.79
C GLY B 463 0.26 14.31 -16.14
N HIS B 464 1.04 13.68 -15.26
CA HIS B 464 0.68 12.44 -14.60
C HIS B 464 -0.17 12.61 -13.38
N LYS B 465 -0.47 11.50 -12.72
CA LYS B 465 -1.17 11.49 -11.44
C LYS B 465 -0.87 10.17 -10.72
N ILE B 466 -0.61 10.21 -9.41
CA ILE B 466 -0.36 8.93 -8.72
C ILE B 466 -1.37 8.59 -7.60
N ASP B 467 -2.00 7.43 -7.77
CA ASP B 467 -2.88 6.85 -6.75
C ASP B 467 -2.04 5.96 -5.82
N ILE B 468 -1.87 6.37 -4.57
CA ILE B 468 -1.10 5.52 -3.62
C ILE B 468 -2.02 4.48 -2.99
N PRO B 469 -1.80 3.18 -3.26
CA PRO B 469 -2.83 2.23 -2.83
C PRO B 469 -3.27 2.29 -1.35
N ASN B 470 -4.56 1.95 -1.07
CA ASN B 470 -5.08 1.81 0.37
C ASN B 470 -4.15 0.95 1.19
N GLY B 471 -4.07 1.26 2.52
CA GLY B 471 -3.21 0.47 3.37
C GLY B 471 -1.69 0.56 3.05
N SER B 472 -1.27 1.12 1.98
CA SER B 472 0.17 1.17 1.62
C SER B 472 0.92 1.82 2.77
N ILE B 473 2.17 1.35 2.98
CA ILE B 473 3.00 1.87 4.06
C ILE B 473 4.49 2.22 3.67
N LEU B 474 4.76 3.53 3.48
CA LEU B 474 5.99 4.02 2.87
C LEU B 474 6.93 4.56 3.95
N GLU B 475 8.21 4.21 3.81
CA GLU B 475 9.18 4.52 4.80
C GLU B 475 10.54 4.58 4.16
N ASN B 476 11.16 5.77 4.22
CA ASN B 476 12.48 6.04 3.66
C ASN B 476 12.60 5.62 2.22
N VAL B 477 12.00 6.43 1.35
CA VAL B 477 11.65 6.02 0.03
C VAL B 477 11.37 7.26 -0.79
N VAL B 478 11.78 7.23 -2.05
CA VAL B 478 11.40 8.24 -3.01
C VAL B 478 10.43 7.56 -3.98
N VAL B 479 9.27 8.17 -4.16
CA VAL B 479 8.21 7.56 -4.97
C VAL B 479 7.93 8.47 -6.16
N THR B 480 7.96 7.91 -7.36
CA THR B 480 7.70 8.72 -8.53
C THR B 480 7.08 7.96 -9.72
N GLY B 481 6.40 8.71 -10.58
CA GLY B 481 5.81 8.16 -11.78
C GLY B 481 4.32 8.39 -12.04
N ASN B 482 3.67 7.46 -12.87
CA ASN B 482 2.23 7.41 -13.04
C ASN B 482 1.79 6.14 -12.23
N LEU B 483 0.62 6.22 -11.65
CA LEU B 483 -0.09 5.04 -11.21
C LEU B 483 -1.54 5.35 -10.95
N GLN B 484 -2.40 4.71 -11.74
CA GLN B 484 -3.86 4.88 -11.66
C GLN B 484 -4.45 3.63 -11.08
N ILE B 485 -5.29 3.79 -10.07
CA ILE B 485 -6.00 2.68 -9.45
C ILE B 485 -7.51 2.89 -9.58
N LEU B 486 -8.21 1.90 -10.10
CA LEU B 486 -9.61 2.03 -10.47
C LEU B 486 -10.49 0.93 -9.91
N GLU B 487 -11.67 1.31 -9.43
CA GLU B 487 -12.64 0.32 -8.96
C GLU B 487 -13.01 -0.61 -10.09
N HIS B 488 -12.68 -1.90 -9.95
CA HIS B 488 -13.15 -2.94 -10.87
C HIS B 488 -14.66 -3.18 -10.72
#